data_6NBJ
#
_entry.id   6NBJ
#
_cell.length_a   180.315
_cell.length_b   180.315
_cell.length_c   180.315
_cell.angle_alpha   90.00
_cell.angle_beta   90.00
_cell.angle_gamma   90.00
#
_symmetry.space_group_name_H-M   'P 43 3 2'
#
loop_
_entity.id
_entity.type
_entity.pdbx_description
1 polymer 'tRNA N6-adenosine threonylcarbamoyltransferase, mitochondrial'
2 polymer "RNA (5'-R(P*CP*CP*CP*C)-3')"
3 non-polymer 'ZINC ION'
4 non-polymer 'ADENOSINE MONOPHOSPHATE'
5 non-polymer 'TRIETHYLENE GLYCOL'
6 non-polymer "ADENOSINE-5'-TRIPHOSPHATE"
7 non-polymer 'SULFATE ION'
8 non-polymer 'ACETATE ION'
9 water water
#
loop_
_entity_poly.entity_id
_entity_poly.type
_entity_poly.pdbx_seq_one_letter_code
_entity_poly.pdbx_strand_id
1 'polypeptide(L)'
;GPLHMRKGYKVLAIETSCDDTCVSVLDRFSKSAAPNVLANLKDTLDSIDEGGIIPTKAHIHHQARIGPLTERALIESNAR
EGIDLICVTRGPGMPGSLSGGLDFAKGLAVAWNKPLIGVHHMLGHLLIPRMGTNGKVPQFPFVSLLVSGGHTTFVLSRAI
DDHEILCDTIDIAVGDSLDKCGRELGFKGTMIAREMEKFINQDINDQDFALKLEMPSPLKNSASKRNMLSFSFSAFITAL
RTNLTKLGKTEIQELPEREIRSIAYQVQESVFDHIINKLKHVLKSQPEKFKNVREFVCSGGVSSNQRLRTKLETELGTLN
STSFFNFYYPPMDLCSDNSIMIGWAGIEIWESLRLVSDLDICPIRQWPLNDLLSVDGWRTDQL
;
A,B
2 'polyribonucleotide' CCCC C
#
loop_
_chem_comp.id
_chem_comp.type
_chem_comp.name
_chem_comp.formula
ACT non-polymer 'ACETATE ION' 'C2 H3 O2 -1'
AMP non-polymer 'ADENOSINE MONOPHOSPHATE' 'C10 H14 N5 O7 P'
ATP non-polymer ADENOSINE-5'-TRIPHOSPHATE 'C10 H16 N5 O13 P3'
C RNA linking CYTIDINE-5'-MONOPHOSPHATE 'C9 H14 N3 O8 P'
PGE non-polymer 'TRIETHYLENE GLYCOL' 'C6 H14 O4'
SO4 non-polymer 'SULFATE ION' 'O4 S -2'
ZN non-polymer 'ZINC ION' 'Zn 2'
#
# COMPACT_ATOMS: atom_id res chain seq x y z
N ARG A 6 -29.11 27.32 7.46
CA ARG A 6 -27.64 27.14 7.31
C ARG A 6 -27.24 25.83 7.99
N LYS A 7 -26.11 25.28 7.51
CA LYS A 7 -25.61 24.00 7.93
C LYS A 7 -24.08 24.03 7.78
N GLY A 8 -23.39 23.30 8.65
CA GLY A 8 -21.91 23.16 8.62
C GLY A 8 -21.48 21.71 8.34
N TYR A 9 -20.17 21.46 8.34
CA TYR A 9 -19.69 20.13 8.00
C TYR A 9 -18.27 19.95 8.56
N LYS A 10 -17.90 18.68 8.74
CA LYS A 10 -16.63 18.30 9.26
C LYS A 10 -15.86 17.47 8.22
N VAL A 11 -14.52 17.57 8.34
CA VAL A 11 -13.59 16.96 7.39
C VAL A 11 -12.59 16.10 8.14
N LEU A 12 -12.38 14.89 7.63
CA LEU A 12 -11.25 14.09 8.09
C LEU A 12 -10.14 14.13 7.03
N ALA A 13 -8.94 14.47 7.47
CA ALA A 13 -7.89 14.70 6.56
C ALA A 13 -6.66 13.94 7.04
N ILE A 14 -5.96 13.36 6.04
CA ILE A 14 -4.92 12.35 6.16
C ILE A 14 -3.74 12.78 5.31
N GLU A 15 -2.56 12.64 5.88
CA GLU A 15 -1.34 13.04 5.24
C GLU A 15 -0.32 11.96 5.54
N THR A 16 0.13 11.26 4.52
CA THR A 16 0.94 10.08 4.73
C THR A 16 2.06 9.96 3.68
N SER A 17 2.59 11.09 3.22
CA SER A 17 3.50 11.21 2.07
C SER A 17 4.96 11.35 2.53
N CYS A 18 5.13 11.93 3.72
CA CYS A 18 6.41 12.18 4.37
C CYS A 18 6.82 10.92 5.14
N ASP A 19 7.51 11.14 6.26
CA ASP A 19 7.85 10.11 7.20
C ASP A 19 6.87 10.08 8.37
N ASP A 20 6.10 11.16 8.52
CA ASP A 20 5.23 11.30 9.67
C ASP A 20 3.80 10.96 9.30
N THR A 21 3.16 10.12 10.12
CA THR A 21 1.76 9.76 9.86
C THR A 21 0.88 10.82 10.52
N CYS A 22 0.05 11.51 9.72
CA CYS A 22 -0.69 12.68 10.24
C CYS A 22 -2.20 12.53 9.97
N VAL A 23 -3.02 12.78 11.00
CA VAL A 23 -4.48 12.85 10.82
C VAL A 23 -5.10 14.01 11.64
N SER A 24 -6.17 14.58 11.05
CA SER A 24 -6.82 15.85 11.44
C SER A 24 -8.32 15.71 11.26
N VAL A 25 -9.09 16.35 12.15
CA VAL A 25 -10.50 16.57 11.92
C VAL A 25 -10.75 18.07 11.92
N LEU A 26 -11.63 18.55 11.04
CA LEU A 26 -11.94 19.95 10.91
C LEU A 26 -13.45 20.16 11.00
N ASP A 27 -13.80 21.26 11.69
CA ASP A 27 -15.13 21.79 11.74
C ASP A 27 -15.20 23.00 10.82
N ARG A 28 -15.86 22.77 9.70
CA ARG A 28 -16.19 23.73 8.73
C ARG A 28 -17.63 24.12 9.05
N PHE A 29 -17.78 24.83 10.16
CA PHE A 29 -19.10 25.08 10.78
C PHE A 29 -19.87 26.13 10.00
N SER A 30 -19.16 26.97 9.23
CA SER A 30 -19.76 28.07 8.49
C SER A 30 -18.85 28.40 7.32
N LYS A 31 -19.51 28.70 6.19
CA LYS A 31 -18.83 29.02 4.96
C LYS A 31 -18.31 30.46 4.92
N SER A 32 -18.61 31.30 5.94
CA SER A 32 -18.12 32.72 6.04
C SER A 32 -17.08 32.89 7.15
N ALA A 33 -16.83 31.81 7.90
CA ALA A 33 -15.76 31.72 8.88
C ALA A 33 -14.67 30.75 8.39
N ALA A 34 -13.44 30.98 8.87
CA ALA A 34 -12.44 29.94 8.92
C ALA A 34 -12.97 28.73 9.68
N PRO A 35 -12.60 27.52 9.25
CA PRO A 35 -12.93 26.31 10.01
C PRO A 35 -12.02 26.21 11.24
N ASN A 36 -12.43 25.39 12.22
CA ASN A 36 -11.60 25.12 13.39
C ASN A 36 -11.11 23.68 13.31
N VAL A 37 -10.01 23.41 14.01
CA VAL A 37 -9.44 22.08 14.19
C VAL A 37 -9.97 21.46 15.47
N LEU A 38 -10.42 20.20 15.39
CA LEU A 38 -10.98 19.45 16.50
C LEU A 38 -9.93 18.48 17.02
N ALA A 39 -8.98 18.17 16.14
CA ALA A 39 -8.08 17.06 16.34
C ALA A 39 -6.99 17.17 15.28
N ASN A 40 -5.74 17.09 15.72
CA ASN A 40 -4.63 17.07 14.79
C ASN A 40 -3.47 16.35 15.45
N LEU A 41 -3.13 15.14 14.95
CA LEU A 41 -2.09 14.26 15.51
C LEU A 41 -1.02 13.94 14.45
N LYS A 42 0.15 13.57 14.94
CA LYS A 42 1.32 13.35 14.10
C LYS A 42 2.13 12.28 14.80
N ASP A 43 2.26 11.11 14.20
CA ASP A 43 3.07 10.06 14.72
C ASP A 43 4.34 10.06 13.88
N THR A 44 5.39 10.57 14.52
CA THR A 44 6.62 10.82 13.86
C THR A 44 7.42 9.53 13.84
N LEU A 45 8.08 9.27 12.71
CA LEU A 45 8.74 8.01 12.38
C LEU A 45 9.67 7.55 13.53
N ASP A 46 10.48 8.48 14.06
CA ASP A 46 11.44 8.25 15.18
C ASP A 46 10.78 7.52 16.37
N SER A 47 9.65 8.03 16.88
CA SER A 47 9.02 7.55 18.15
C SER A 47 8.69 6.05 18.12
N ILE A 48 8.69 5.41 16.94
CA ILE A 48 8.54 3.92 16.80
C ILE A 48 9.77 3.34 16.06
N ASP A 49 10.98 3.73 16.50
CA ASP A 49 12.27 3.19 15.96
C ASP A 49 13.31 3.03 17.10
N GLU A 50 14.04 4.12 17.40
CA GLU A 50 15.15 4.15 18.38
C GLU A 50 14.64 3.72 19.77
N GLY A 51 13.37 4.05 20.07
CA GLY A 51 12.69 3.66 21.32
C GLY A 51 11.82 2.41 21.16
N GLY A 52 12.09 1.61 20.11
CA GLY A 52 11.43 0.33 19.85
C GLY A 52 12.45 -0.73 19.47
N ILE A 53 13.02 -0.61 18.27
CA ILE A 53 14.12 -1.48 17.79
C ILE A 53 15.05 -0.66 16.87
N ILE A 54 15.22 -1.05 15.60
CA ILE A 54 16.17 -0.39 14.66
C ILE A 54 15.37 0.50 13.71
N PRO A 55 15.97 1.11 12.65
CA PRO A 55 15.20 1.98 11.76
C PRO A 55 14.16 1.19 10.94
N THR A 56 12.92 1.71 10.92
CA THR A 56 11.73 1.07 10.35
C THR A 56 11.39 1.79 9.03
N LYS A 57 10.93 1.04 8.02
CA LYS A 57 10.54 1.59 6.72
C LYS A 57 9.25 2.40 6.90
N ALA A 58 9.16 3.54 6.20
CA ALA A 58 8.08 4.54 6.41
C ALA A 58 6.70 4.00 5.99
N HIS A 59 6.62 3.17 4.94
CA HIS A 59 5.34 2.59 4.55
C HIS A 59 4.80 1.69 5.66
N ILE A 60 5.67 0.90 6.29
CA ILE A 60 5.20 0.05 7.38
C ILE A 60 4.84 0.96 8.56
N HIS A 61 5.61 2.05 8.70
CA HIS A 61 5.24 3.01 9.71
C HIS A 61 3.79 3.46 9.51
N HIS A 62 3.46 3.86 8.27
CA HIS A 62 2.18 4.47 7.99
C HIS A 62 1.09 3.42 8.17
N GLN A 63 1.32 2.24 7.54
CA GLN A 63 0.43 1.08 7.65
C GLN A 63 0.12 0.75 9.12
N ALA A 64 1.15 0.82 9.97
CA ALA A 64 1.07 0.43 11.40
C ALA A 64 0.32 1.46 12.25
N ARG A 65 0.34 2.74 11.83
CA ARG A 65 -0.01 3.87 12.70
C ARG A 65 -1.30 4.60 12.26
N ILE A 66 -1.62 4.57 10.96
CA ILE A 66 -2.80 5.34 10.46
C ILE A 66 -4.04 4.98 11.29
N GLY A 67 -4.27 3.69 11.55
CA GLY A 67 -5.55 3.21 12.05
C GLY A 67 -5.77 3.57 13.52
N PRO A 68 -4.82 3.17 14.39
CA PRO A 68 -4.83 3.64 15.78
C PRO A 68 -4.88 5.17 15.85
N LEU A 69 -4.12 5.83 14.98
CA LEU A 69 -4.07 7.29 15.00
C LEU A 69 -5.43 7.90 14.65
N THR A 70 -6.14 7.39 13.63
CA THR A 70 -7.39 8.08 13.26
C THR A 70 -8.45 7.72 14.32
N GLU A 71 -8.54 6.47 14.74
CA GLU A 71 -9.39 6.08 15.91
C GLU A 71 -9.30 7.09 17.07
N ARG A 72 -8.06 7.40 17.45
CA ARG A 72 -7.83 8.30 18.53
C ARG A 72 -8.43 9.66 18.17
N ALA A 73 -8.08 10.17 16.98
CA ALA A 73 -8.48 11.52 16.56
C ALA A 73 -10.02 11.63 16.54
N LEU A 74 -10.67 10.55 16.10
CA LEU A 74 -12.10 10.52 16.06
C LEU A 74 -12.67 10.59 17.49
N ILE A 75 -11.99 9.94 18.46
CA ILE A 75 -12.36 9.98 19.89
C ILE A 75 -12.16 11.40 20.46
N GLU A 76 -10.98 11.97 20.24
CA GLU A 76 -10.64 13.30 20.73
C GLU A 76 -11.60 14.35 20.19
N SER A 77 -11.86 14.28 18.87
CA SER A 77 -12.69 15.23 18.15
C SER A 77 -14.17 15.13 18.56
N ASN A 78 -14.58 13.93 18.98
CA ASN A 78 -15.91 13.71 19.46
C ASN A 78 -16.89 13.67 18.27
N ALA A 79 -16.53 12.95 17.22
CA ALA A 79 -17.19 13.10 15.93
C ALA A 79 -17.03 11.86 15.02
N ARG A 80 -16.88 10.65 15.57
CA ARG A 80 -16.76 9.46 14.73
C ARG A 80 -17.90 9.44 13.70
N GLU A 81 -19.09 9.92 14.11
CA GLU A 81 -20.32 9.84 13.28
C GLU A 81 -20.66 11.21 12.63
N GLY A 82 -19.65 12.00 12.30
CA GLY A 82 -19.89 13.40 12.01
C GLY A 82 -19.20 13.89 10.76
N ILE A 83 -18.32 13.06 10.19
CA ILE A 83 -17.40 13.41 9.10
C ILE A 83 -18.22 13.42 7.81
N ASP A 84 -18.02 14.45 6.96
CA ASP A 84 -18.82 14.61 5.71
C ASP A 84 -17.94 14.50 4.45
N LEU A 85 -16.62 14.47 4.64
CA LEU A 85 -15.66 14.59 3.56
C LEU A 85 -14.33 13.98 4.03
N ILE A 86 -13.69 13.22 3.13
CA ILE A 86 -12.39 12.71 3.41
C ILE A 86 -11.38 13.36 2.46
N CYS A 87 -10.37 14.00 3.06
CA CYS A 87 -9.25 14.52 2.30
C CYS A 87 -7.97 13.77 2.69
N VAL A 88 -7.23 13.31 1.67
CA VAL A 88 -6.02 12.51 1.84
C VAL A 88 -5.02 12.87 0.73
N THR A 89 -3.72 12.75 1.03
CA THR A 89 -2.71 13.09 0.06
C THR A 89 -2.53 11.94 -0.96
N ARG A 90 -2.72 12.28 -2.24
CA ARG A 90 -2.72 11.32 -3.31
C ARG A 90 -1.32 11.27 -3.90
N GLY A 91 -0.69 12.43 -3.98
CA GLY A 91 0.71 12.59 -4.36
C GLY A 91 1.18 14.00 -4.07
N PRO A 92 2.50 14.22 -4.13
CA PRO A 92 3.46 13.26 -4.66
C PRO A 92 4.29 12.69 -3.51
N GLY A 93 4.87 11.49 -3.77
CA GLY A 93 5.79 10.80 -2.83
C GLY A 93 5.97 9.33 -3.17
N MET A 94 6.35 8.54 -2.16
CA MET A 94 6.53 7.11 -2.31
C MET A 94 5.15 6.44 -2.29
N PRO A 95 4.80 5.61 -3.29
CA PRO A 95 3.43 5.09 -3.43
C PRO A 95 3.03 4.17 -2.27
N GLY A 96 4.01 3.60 -1.56
CA GLY A 96 3.79 2.75 -0.39
C GLY A 96 3.32 3.52 0.83
N SER A 97 4.09 4.58 1.16
CA SER A 97 3.66 5.64 2.07
C SER A 97 2.29 6.18 1.65
N LEU A 98 2.16 6.67 0.40
CA LEU A 98 0.92 7.34 -0.05
C LEU A 98 -0.32 6.44 0.12
N SER A 99 -0.15 5.20 -0.31
CA SER A 99 -1.26 4.27 -0.43
C SER A 99 -1.70 3.74 0.96
N GLY A 100 -0.81 3.79 1.95
CA GLY A 100 -1.24 3.52 3.33
C GLY A 100 -2.43 4.38 3.70
N GLY A 101 -2.21 5.69 3.69
CA GLY A 101 -3.23 6.66 3.96
C GLY A 101 -4.35 6.64 2.92
N LEU A 102 -4.00 6.47 1.65
CA LEU A 102 -5.04 6.54 0.62
C LEU A 102 -6.04 5.38 0.76
N ASP A 103 -5.51 4.16 0.83
CA ASP A 103 -6.39 2.97 0.83
C ASP A 103 -7.30 3.02 2.07
N PHE A 104 -6.69 3.35 3.22
CA PHE A 104 -7.37 3.66 4.48
C PHE A 104 -8.48 4.71 4.28
N ALA A 105 -8.10 5.87 3.75
CA ALA A 105 -9.04 6.98 3.51
C ALA A 105 -10.29 6.51 2.75
N LYS A 106 -10.08 5.68 1.73
CA LYS A 106 -11.15 5.15 0.90
C LYS A 106 -12.10 4.27 1.73
N GLY A 107 -11.52 3.53 2.68
CA GLY A 107 -12.29 2.75 3.62
C GLY A 107 -13.26 3.61 4.43
N LEU A 108 -12.73 4.67 5.05
CA LEU A 108 -13.58 5.67 5.73
C LEU A 108 -14.71 6.08 4.77
N ALA A 109 -14.36 6.40 3.53
CA ALA A 109 -15.30 6.97 2.59
C ALA A 109 -16.39 5.95 2.22
N VAL A 110 -16.02 4.69 2.02
CA VAL A 110 -17.03 3.72 1.62
C VAL A 110 -17.93 3.43 2.81
N ALA A 111 -17.35 3.45 4.01
CA ALA A 111 -18.09 2.95 5.15
C ALA A 111 -19.12 4.02 5.56
N TRP A 112 -18.68 5.27 5.66
CA TRP A 112 -19.59 6.38 5.93
C TRP A 112 -20.35 6.79 4.67
N ASN A 113 -19.99 6.24 3.49
CA ASN A 113 -20.57 6.66 2.24
C ASN A 113 -20.44 8.19 2.05
N LYS A 114 -19.23 8.76 2.21
CA LYS A 114 -18.98 10.17 2.03
C LYS A 114 -17.99 10.39 0.89
N PRO A 115 -17.98 11.56 0.25
CA PRO A 115 -16.99 11.86 -0.76
C PRO A 115 -15.57 11.85 -0.22
N LEU A 116 -14.66 11.58 -1.18
CA LEU A 116 -13.21 11.60 -1.03
C LEU A 116 -12.65 12.66 -1.99
N ILE A 117 -11.64 13.39 -1.54
CA ILE A 117 -10.85 14.21 -2.39
C ILE A 117 -9.40 13.81 -2.15
N GLY A 118 -8.73 13.41 -3.25
CA GLY A 118 -7.35 13.10 -3.27
C GLY A 118 -6.57 14.33 -3.65
N VAL A 119 -5.70 14.75 -2.74
CA VAL A 119 -5.17 16.08 -2.63
C VAL A 119 -3.67 16.02 -2.96
N HIS A 120 -3.21 17.08 -3.62
CA HIS A 120 -1.84 17.30 -3.99
C HIS A 120 -1.10 17.91 -2.82
N HIS A 121 0.00 17.28 -2.39
CA HIS A 121 0.70 17.71 -1.18
C HIS A 121 0.99 19.22 -1.22
N MET A 122 1.62 19.67 -2.30
CA MET A 122 2.06 21.04 -2.43
C MET A 122 0.85 21.99 -2.50
N LEU A 123 -0.23 21.59 -3.16
CA LEU A 123 -1.48 22.41 -3.05
C LEU A 123 -1.73 22.73 -1.56
N GLY A 124 -1.44 21.75 -0.71
CA GLY A 124 -1.57 21.87 0.73
C GLY A 124 -0.87 23.10 1.26
N HIS A 125 0.47 23.08 1.19
CA HIS A 125 1.34 24.17 1.63
C HIS A 125 0.95 25.54 1.03
N LEU A 126 0.42 25.54 -0.21
CA LEU A 126 0.25 26.83 -0.88
C LEU A 126 -0.98 27.53 -0.32
N LEU A 127 -2.02 26.74 -0.13
CA LEU A 127 -3.29 27.23 0.19
C LEU A 127 -3.42 27.54 1.69
N ILE A 128 -2.62 26.88 2.52
CA ILE A 128 -2.84 26.90 3.99
C ILE A 128 -2.96 28.34 4.54
N PRO A 129 -2.17 29.34 4.07
CA PRO A 129 -2.31 30.69 4.62
C PRO A 129 -3.70 31.30 4.38
N ARG A 130 -4.46 30.73 3.46
CA ARG A 130 -5.78 31.22 3.18
C ARG A 130 -6.75 30.72 4.24
N MET A 131 -6.35 29.69 4.99
CA MET A 131 -7.28 29.02 5.89
C MET A 131 -7.84 30.02 6.91
N GLY A 132 -6.96 30.74 7.61
CA GLY A 132 -7.32 31.63 8.71
C GLY A 132 -8.29 32.75 8.30
N THR A 133 -8.10 33.34 7.11
CA THR A 133 -8.98 34.39 6.59
C THR A 133 -10.15 33.83 5.76
N ASN A 134 -10.21 32.50 5.61
CA ASN A 134 -11.28 31.83 4.85
C ASN A 134 -11.26 32.24 3.38
N GLY A 135 -10.07 32.38 2.77
CA GLY A 135 -9.96 32.43 1.31
C GLY A 135 -9.76 33.82 0.76
N LYS A 136 -9.90 34.83 1.64
CA LYS A 136 -9.76 36.27 1.31
C LYS A 136 -8.31 36.71 1.17
N VAL A 137 -7.39 36.13 1.97
CA VAL A 137 -6.02 36.64 2.06
C VAL A 137 -5.00 35.49 2.21
N PRO A 138 -4.01 35.35 1.31
CA PRO A 138 -3.90 36.14 0.07
C PRO A 138 -4.95 35.88 -1.04
N GLN A 139 -5.17 36.88 -1.90
CA GLN A 139 -6.04 36.75 -3.08
C GLN A 139 -5.17 36.39 -4.28
N PHE A 140 -5.76 35.67 -5.24
CA PHE A 140 -5.04 35.29 -6.43
C PHE A 140 -4.93 36.54 -7.31
N PRO A 141 -3.81 36.80 -8.00
CA PRO A 141 -2.65 35.92 -7.97
C PRO A 141 -1.78 36.26 -6.76
N PHE A 142 -1.06 35.26 -6.24
CA PHE A 142 0.05 35.46 -5.35
C PHE A 142 1.12 34.42 -5.65
N VAL A 143 2.31 34.70 -5.13
CA VAL A 143 3.40 33.79 -5.22
C VAL A 143 3.74 33.34 -3.80
N SER A 144 4.29 32.12 -3.73
CA SER A 144 4.64 31.49 -2.51
C SER A 144 6.05 30.94 -2.63
N LEU A 145 6.76 30.95 -1.50
CA LEU A 145 8.09 30.34 -1.39
C LEU A 145 8.06 29.25 -0.31
N LEU A 146 8.27 28.02 -0.75
CA LEU A 146 8.18 26.86 0.10
C LEU A 146 9.59 26.45 0.46
N VAL A 147 9.91 26.66 1.74
CA VAL A 147 11.22 26.40 2.27
C VAL A 147 11.05 25.54 3.52
N SER A 148 10.91 24.22 3.31
CA SER A 148 10.85 23.24 4.39
C SER A 148 12.20 22.51 4.50
N GLY A 149 12.18 21.33 5.12
CA GLY A 149 13.31 20.40 5.08
C GLY A 149 13.24 19.53 3.84
N GLY A 150 12.11 19.62 3.12
CA GLY A 150 11.76 18.72 2.03
C GLY A 150 11.47 19.45 0.73
N HIS A 151 11.16 20.76 0.79
CA HIS A 151 10.98 21.57 -0.41
C HIS A 151 11.75 22.90 -0.28
N THR A 152 12.27 23.34 -1.43
CA THR A 152 12.64 24.72 -1.67
C THR A 152 12.11 25.08 -3.06
N THR A 153 10.99 25.81 -3.12
CA THR A 153 10.34 26.01 -4.39
C THR A 153 9.64 27.37 -4.42
N PHE A 154 9.66 28.02 -5.58
CA PHE A 154 8.99 29.30 -5.79
C PHE A 154 7.81 29.02 -6.72
N VAL A 155 6.63 29.57 -6.41
CA VAL A 155 5.40 29.19 -7.09
C VAL A 155 4.54 30.43 -7.31
N LEU A 156 3.99 30.59 -8.53
CA LEU A 156 2.89 31.54 -8.81
C LEU A 156 1.56 30.78 -8.80
N SER A 157 0.54 31.38 -8.17
CA SER A 157 -0.77 30.79 -8.01
C SER A 157 -1.79 31.81 -8.53
N ARG A 158 -2.51 31.43 -9.60
CA ARG A 158 -3.44 32.29 -10.36
C ARG A 158 -4.90 31.95 -10.05
N ALA A 159 -5.12 30.69 -9.71
CA ALA A 159 -6.36 30.25 -9.19
C ALA A 159 -6.13 28.94 -8.43
N ILE A 160 -7.14 28.53 -7.68
CA ILE A 160 -7.16 27.25 -6.97
C ILE A 160 -6.51 26.14 -7.84
N ASP A 161 -6.95 26.09 -9.11
CA ASP A 161 -6.68 25.01 -10.01
C ASP A 161 -5.54 25.42 -10.94
N ASP A 162 -4.79 26.46 -10.58
CA ASP A 162 -3.84 26.99 -11.51
C ASP A 162 -2.60 27.54 -10.78
N HIS A 163 -1.60 26.67 -10.68
CA HIS A 163 -0.33 26.94 -10.03
C HIS A 163 0.85 26.57 -10.96
N GLU A 164 1.88 27.42 -10.94
CA GLU A 164 2.97 27.33 -11.84
C GLU A 164 4.25 27.49 -11.03
N ILE A 165 5.08 26.46 -11.06
CA ILE A 165 6.33 26.43 -10.34
C ILE A 165 7.38 27.24 -11.12
N LEU A 166 7.95 28.26 -10.49
CA LEU A 166 8.84 29.24 -11.15
C LEU A 166 10.31 28.86 -10.96
N CYS A 167 10.65 28.27 -9.83
CA CYS A 167 12.02 27.87 -9.57
C CYS A 167 11.99 26.76 -8.52
N ASP A 168 12.83 25.74 -8.68
CA ASP A 168 12.72 24.56 -7.82
C ASP A 168 14.13 24.00 -7.59
N THR A 169 14.37 23.35 -6.44
CA THR A 169 15.70 22.76 -6.21
C THR A 169 15.89 21.56 -7.14
N ILE A 170 17.16 21.29 -7.48
CA ILE A 170 17.59 20.24 -8.37
C ILE A 170 18.32 19.14 -7.57
N ASP A 171 18.37 19.32 -6.23
CA ASP A 171 19.08 18.41 -5.32
C ASP A 171 18.29 18.35 -3.98
N ILE A 172 18.96 18.66 -2.85
CA ILE A 172 18.37 18.71 -1.51
C ILE A 172 17.61 20.04 -1.34
N ALA A 173 16.99 20.20 -0.17
CA ALA A 173 16.23 21.38 0.17
C ALA A 173 17.02 22.22 1.17
N VAL A 174 16.76 23.53 1.19
CA VAL A 174 17.47 24.45 2.08
C VAL A 174 17.55 23.87 3.50
N GLY A 175 16.46 23.29 4.03
CA GLY A 175 16.42 22.65 5.38
C GLY A 175 17.43 21.52 5.53
N ASP A 176 17.28 20.47 4.70
CA ASP A 176 18.25 19.37 4.62
C ASP A 176 19.69 19.93 4.57
N SER A 177 19.91 21.09 3.94
CA SER A 177 21.26 21.67 3.76
C SER A 177 21.73 22.49 4.96
N LEU A 178 20.83 23.30 5.55
CA LEU A 178 21.12 24.05 6.78
C LEU A 178 21.21 23.11 7.99
N ASP A 179 20.68 21.90 7.84
CA ASP A 179 20.74 20.86 8.85
C ASP A 179 22.14 20.22 8.87
N LYS A 180 22.66 19.85 7.71
CA LYS A 180 23.93 19.11 7.62
C LYS A 180 25.06 20.04 8.06
N CYS A 181 24.94 21.31 7.63
CA CYS A 181 25.88 22.41 7.97
C CYS A 181 25.93 22.62 9.48
N GLY A 182 24.74 22.70 10.11
CA GLY A 182 24.57 22.71 11.58
C GLY A 182 25.18 21.48 12.25
N ARG A 183 24.81 20.27 11.79
CA ARG A 183 25.37 18.98 12.25
C ARG A 183 26.90 19.07 12.30
N GLU A 184 27.51 19.59 11.23
CA GLU A 184 28.98 19.74 11.11
C GLU A 184 29.55 20.83 12.05
N LEU A 185 28.70 21.72 12.58
CA LEU A 185 29.19 22.81 13.44
C LEU A 185 29.03 22.43 14.92
N GLY A 186 28.48 21.23 15.20
CA GLY A 186 28.26 20.75 16.56
C GLY A 186 26.87 21.10 17.06
N PHE A 187 25.87 20.48 16.44
CA PHE A 187 24.47 20.60 16.83
C PHE A 187 23.77 19.27 16.55
N LYS A 188 22.66 19.06 17.24
CA LYS A 188 21.73 17.97 16.96
C LYS A 188 20.34 18.39 17.46
N GLY A 189 19.31 17.67 17.01
CA GLY A 189 17.99 17.78 17.57
C GLY A 189 16.92 17.69 16.51
N THR A 190 15.69 18.01 16.93
CA THR A 190 14.53 18.03 16.07
C THR A 190 14.83 18.99 14.90
N MET A 191 15.00 20.28 15.21
CA MET A 191 15.27 21.33 14.21
C MET A 191 16.74 21.78 14.33
N ILE A 192 17.65 20.99 13.76
CA ILE A 192 19.11 21.22 13.86
C ILE A 192 19.43 22.67 13.44
N ALA A 193 18.71 23.16 12.42
CA ALA A 193 19.00 24.49 11.82
C ALA A 193 18.36 25.62 12.65
N ARG A 194 17.24 25.35 13.33
CA ARG A 194 16.59 26.37 14.18
C ARG A 194 17.57 26.73 15.30
N GLU A 195 18.20 25.68 15.82
CA GLU A 195 19.15 25.76 16.89
C GLU A 195 20.29 26.69 16.47
N MET A 196 20.88 26.37 15.32
CA MET A 196 21.94 27.20 14.75
C MET A 196 21.50 28.67 14.77
N GLU A 197 20.19 28.96 14.72
CA GLU A 197 19.71 30.35 14.64
C GLU A 197 19.96 31.03 15.99
N LYS A 198 19.60 30.30 17.05
CA LYS A 198 19.79 30.74 18.43
C LYS A 198 21.27 31.03 18.67
N PHE A 199 22.13 30.01 18.44
CA PHE A 199 23.55 30.16 18.75
C PHE A 199 24.10 31.53 18.36
N ILE A 200 23.70 32.06 17.19
CA ILE A 200 24.18 33.37 16.73
C ILE A 200 23.28 34.48 17.30
N ASN A 201 21.99 34.19 17.45
CA ASN A 201 21.01 35.14 17.98
C ASN A 201 21.54 35.57 19.36
N GLN A 202 21.65 34.63 20.30
CA GLN A 202 22.20 34.89 21.64
C GLN A 202 23.65 35.40 21.50
N ASP A 203 23.78 36.70 21.21
CA ASP A 203 25.10 37.36 21.08
C ASP A 203 25.28 37.71 19.61
N ILE A 204 24.35 38.50 19.06
CA ILE A 204 24.43 38.87 17.61
C ILE A 204 25.69 39.71 17.22
N ASN A 205 26.12 40.56 18.17
CA ASN A 205 27.35 41.31 17.98
C ASN A 205 28.69 40.59 18.19
N ASP A 206 28.72 39.74 19.23
CA ASP A 206 29.94 39.08 19.67
C ASP A 206 30.28 37.91 18.72
N GLN A 207 31.00 38.24 17.64
CA GLN A 207 31.46 37.24 16.69
C GLN A 207 32.68 37.78 15.92
N ASP A 208 33.68 36.90 15.77
CA ASP A 208 34.95 37.29 15.24
C ASP A 208 34.73 37.86 13.83
N PHE A 209 34.48 39.17 13.72
CA PHE A 209 34.21 39.82 12.40
C PHE A 209 35.39 39.65 11.42
N ALA A 210 36.46 38.95 11.82
CA ALA A 210 37.62 38.70 10.93
C ALA A 210 37.78 37.19 10.66
N LEU A 211 36.71 36.54 10.23
CA LEU A 211 36.68 35.10 9.97
C LEU A 211 36.10 34.82 8.57
N LYS A 212 36.24 35.77 7.64
CA LYS A 212 35.46 35.69 6.38
C LYS A 212 35.70 34.30 5.74
N LEU A 213 34.58 33.71 5.31
CA LEU A 213 34.48 32.34 4.83
C LEU A 213 34.24 32.38 3.30
N GLU A 214 34.66 31.32 2.61
CA GLU A 214 34.52 31.23 1.15
C GLU A 214 33.50 30.12 0.77
N MET A 215 32.24 30.53 0.85
CA MET A 215 31.05 29.73 0.48
C MET A 215 30.63 30.22 -0.91
N PRO A 216 30.01 29.39 -1.76
CA PRO A 216 29.67 29.83 -3.10
C PRO A 216 28.22 30.27 -3.21
N SER A 217 27.62 29.96 -4.35
CA SER A 217 26.22 30.26 -4.70
C SER A 217 25.92 29.49 -5.99
N PRO A 218 25.66 28.16 -5.93
CA PRO A 218 25.51 27.22 -7.04
C PRO A 218 26.05 27.73 -8.38
N LEU A 219 27.38 27.61 -8.56
CA LEU A 219 28.05 28.25 -9.70
C LEU A 219 27.46 27.74 -11.04
N LYS A 220 26.34 28.36 -11.49
CA LYS A 220 25.68 28.07 -12.81
C LYS A 220 24.89 29.29 -13.35
N ASN A 221 25.46 30.50 -13.26
CA ASN A 221 24.85 31.75 -13.83
C ASN A 221 25.31 31.90 -15.29
N SER A 222 25.72 30.79 -15.90
CA SER A 222 26.53 30.76 -17.13
C SER A 222 26.31 29.45 -17.92
N ALA A 223 26.81 28.32 -17.36
CA ALA A 223 26.98 27.03 -18.09
C ALA A 223 25.93 25.99 -17.66
N SER A 224 24.70 26.11 -18.20
CA SER A 224 23.57 25.18 -17.92
C SER A 224 22.36 25.51 -18.83
N LYS A 225 21.73 24.47 -19.41
CA LYS A 225 20.57 24.62 -20.32
C LYS A 225 19.39 23.74 -19.84
N ARG A 226 18.91 24.03 -18.63
CA ARG A 226 17.55 23.71 -18.22
C ARG A 226 16.69 24.92 -18.63
N ASN A 227 15.53 24.65 -19.24
CA ASN A 227 14.55 25.69 -19.65
C ASN A 227 14.05 26.52 -18.45
N MET A 228 14.44 26.14 -17.22
CA MET A 228 13.83 26.65 -15.96
C MET A 228 14.88 26.96 -14.88
N LEU A 229 14.60 28.00 -14.11
CA LEU A 229 15.47 28.43 -13.05
C LEU A 229 15.39 27.47 -11.86
N SER A 230 16.54 27.34 -11.17
CA SER A 230 16.80 26.26 -10.24
C SER A 230 17.60 26.73 -9.00
N PHE A 231 17.24 26.14 -7.86
CA PHE A 231 18.02 26.23 -6.65
C PHE A 231 18.96 25.02 -6.62
N SER A 232 19.91 25.03 -5.67
CA SER A 232 20.87 23.98 -5.40
C SER A 232 21.55 24.31 -4.07
N PHE A 233 21.78 23.30 -3.23
CA PHE A 233 22.31 23.50 -1.87
C PHE A 233 23.46 22.53 -1.56
N SER A 234 23.52 21.40 -2.27
CA SER A 234 24.36 20.29 -1.87
C SER A 234 25.85 20.63 -1.99
N ALA A 235 26.15 21.83 -2.51
CA ALA A 235 27.49 22.40 -2.55
C ALA A 235 27.93 22.91 -1.16
N PHE A 236 27.00 23.55 -0.44
CA PHE A 236 27.29 24.32 0.79
C PHE A 236 27.91 23.45 1.88
N ILE A 237 27.35 22.26 2.10
CA ILE A 237 28.00 21.30 2.98
C ILE A 237 29.48 21.18 2.60
N THR A 238 29.78 20.98 1.31
CA THR A 238 31.15 20.71 0.86
C THR A 238 32.02 21.97 1.05
N ALA A 239 31.54 23.10 0.54
CA ALA A 239 32.25 24.37 0.63
C ALA A 239 32.69 24.60 2.08
N LEU A 240 31.74 24.44 3.01
CA LEU A 240 31.99 24.57 4.44
C LEU A 240 33.14 23.67 4.86
N ARG A 241 33.10 22.40 4.45
CA ARG A 241 34.13 21.41 4.81
C ARG A 241 35.49 21.85 4.26
N THR A 242 35.57 22.06 2.95
CA THR A 242 36.79 22.51 2.31
C THR A 242 37.34 23.70 3.11
N ASN A 243 36.44 24.59 3.56
CA ASN A 243 36.82 25.82 4.27
C ASN A 243 37.39 25.49 5.65
N LEU A 244 36.68 24.61 6.37
CA LEU A 244 37.05 24.26 7.73
C LEU A 244 38.40 23.54 7.67
N THR A 245 38.78 22.99 6.51
CA THR A 245 40.15 22.50 6.32
C THR A 245 41.11 23.68 6.36
N LYS A 246 41.02 24.56 5.36
CA LYS A 246 41.93 25.70 5.26
C LYS A 246 42.32 26.37 6.59
N LEU A 247 41.47 26.30 7.63
CA LEU A 247 41.72 27.04 8.88
C LEU A 247 41.13 26.29 10.10
N GLY A 248 41.42 24.98 10.22
CA GLY A 248 41.24 24.23 11.50
C GLY A 248 39.98 23.35 11.61
N LYS A 249 40.17 22.04 11.37
CA LYS A 249 39.14 20.94 11.41
C LYS A 249 38.17 21.12 12.57
N THR A 250 38.42 20.40 13.67
CA THR A 250 37.48 20.24 14.75
C THR A 250 37.49 21.50 15.63
N GLU A 251 38.39 22.46 15.33
CA GLU A 251 38.45 23.75 16.02
C GLU A 251 37.03 24.13 16.48
N ILE A 252 36.06 24.03 15.57
CA ILE A 252 34.63 24.21 15.86
C ILE A 252 34.30 23.76 17.29
N GLN A 253 34.52 22.46 17.54
CA GLN A 253 34.05 21.80 18.75
C GLN A 253 34.60 22.53 19.98
N GLU A 254 35.80 23.13 19.86
CA GLU A 254 36.52 23.77 20.98
C GLU A 254 36.99 25.18 20.61
N LEU A 255 36.15 25.94 19.90
CA LEU A 255 36.40 27.36 19.59
C LEU A 255 35.53 28.22 20.50
N PRO A 256 35.81 29.53 20.67
CA PRO A 256 34.99 30.35 21.56
C PRO A 256 33.54 30.54 21.06
N GLU A 257 32.66 30.98 21.96
CA GLU A 257 31.31 31.50 21.59
C GLU A 257 31.43 32.41 20.36
N ARG A 258 32.58 33.08 20.24
CA ARG A 258 32.88 34.09 19.22
C ARG A 258 33.11 33.54 17.80
N GLU A 259 33.16 32.21 17.62
CA GLU A 259 33.65 31.66 16.32
C GLU A 259 32.68 30.60 15.77
N ILE A 260 32.24 29.67 16.62
CA ILE A 260 31.21 28.70 16.22
C ILE A 260 30.05 29.47 15.57
N ARG A 261 29.64 30.58 16.19
CA ARG A 261 28.61 31.48 15.68
C ARG A 261 29.09 32.15 14.38
N SER A 262 30.22 32.86 14.47
CA SER A 262 30.71 33.74 13.42
C SER A 262 30.60 33.08 12.03
N ILE A 263 30.89 31.78 11.95
CA ILE A 263 30.87 31.07 10.67
C ILE A 263 29.44 30.62 10.35
N ALA A 264 28.69 30.24 11.40
CA ALA A 264 27.29 29.86 11.27
C ALA A 264 26.49 31.01 10.66
N TYR A 265 26.73 32.25 11.11
CA TYR A 265 26.00 33.41 10.56
C TYR A 265 26.23 33.50 9.04
N GLN A 266 27.48 33.24 8.62
CA GLN A 266 27.88 33.38 7.21
C GLN A 266 27.28 32.27 6.34
N VAL A 267 27.39 31.01 6.78
CA VAL A 267 26.73 29.84 6.13
C VAL A 267 25.24 30.10 5.91
N GLN A 268 24.56 30.55 6.97
CA GLN A 268 23.15 30.89 6.98
C GLN A 268 22.89 32.08 6.05
N GLU A 269 23.83 33.03 6.01
CA GLU A 269 23.74 34.15 5.07
C GLU A 269 23.87 33.62 3.63
N SER A 270 24.93 32.85 3.33
CA SER A 270 25.31 32.57 1.95
C SER A 270 24.24 31.72 1.25
N VAL A 271 23.47 30.97 2.04
CA VAL A 271 22.37 30.12 1.55
C VAL A 271 21.14 31.01 1.20
N PHE A 272 20.69 31.81 2.16
CA PHE A 272 19.67 32.80 1.88
C PHE A 272 20.08 33.70 0.70
N ASP A 273 21.38 33.98 0.56
CA ASP A 273 21.84 34.84 -0.51
C ASP A 273 21.42 34.17 -1.81
N HIS A 274 21.76 32.88 -1.95
CA HIS A 274 21.49 32.12 -3.15
C HIS A 274 20.00 32.14 -3.50
N ILE A 275 19.17 32.04 -2.46
CA ILE A 275 17.71 32.04 -2.58
C ILE A 275 17.21 33.42 -3.04
N ILE A 276 17.72 34.49 -2.43
CA ILE A 276 17.29 35.82 -2.87
C ILE A 276 17.75 36.06 -4.31
N ASN A 277 18.95 35.56 -4.64
CA ASN A 277 19.55 35.67 -5.98
C ASN A 277 18.55 35.18 -7.06
N LYS A 278 18.03 33.95 -6.93
CA LYS A 278 17.22 33.31 -8.00
C LYS A 278 15.80 33.88 -7.99
N LEU A 279 15.28 34.05 -6.78
CA LEU A 279 14.05 34.74 -6.61
C LEU A 279 14.08 36.02 -7.43
N LYS A 280 15.25 36.69 -7.43
CA LYS A 280 15.40 38.00 -8.14
C LYS A 280 15.43 37.73 -9.64
N HIS A 281 16.30 36.80 -10.06
CA HIS A 281 16.32 36.34 -11.46
C HIS A 281 14.87 36.19 -11.97
N VAL A 282 14.01 35.50 -11.21
CA VAL A 282 12.70 35.13 -11.79
C VAL A 282 11.80 36.37 -11.84
N LEU A 283 11.89 37.26 -10.83
CA LEU A 283 11.04 38.45 -10.84
C LEU A 283 11.45 39.38 -11.99
N LYS A 284 12.74 39.30 -12.37
CA LYS A 284 13.36 40.13 -13.42
C LYS A 284 13.03 39.57 -14.82
N SER A 285 13.32 38.28 -15.04
CA SER A 285 13.03 37.58 -16.34
C SER A 285 11.58 37.79 -16.82
N GLN A 286 10.60 37.72 -15.92
CA GLN A 286 9.18 37.50 -16.27
C GLN A 286 8.31 38.56 -15.60
N PRO A 287 8.54 39.84 -15.92
CA PRO A 287 7.99 40.94 -15.12
C PRO A 287 6.47 40.91 -14.99
N GLU A 288 5.77 40.64 -16.11
CA GLU A 288 4.31 40.90 -16.20
C GLU A 288 3.55 39.60 -15.89
N LYS A 289 4.28 38.52 -15.66
CA LYS A 289 3.79 37.36 -14.95
C LYS A 289 3.23 37.80 -13.58
N PHE A 290 3.86 38.82 -12.98
CA PHE A 290 3.58 39.24 -11.61
C PHE A 290 2.66 40.46 -11.57
N LYS A 291 2.21 40.93 -12.73
CA LYS A 291 1.54 42.23 -12.86
C LYS A 291 0.67 42.50 -11.62
N ASN A 292 -0.27 41.58 -11.34
CA ASN A 292 -1.30 41.84 -10.34
C ASN A 292 -1.02 41.14 -9.02
N VAL A 293 0.09 40.39 -8.92
CA VAL A 293 0.55 39.83 -7.63
C VAL A 293 0.92 41.01 -6.70
N ARG A 294 0.24 41.11 -5.56
CA ARG A 294 0.60 42.06 -4.50
C ARG A 294 0.84 41.32 -3.16
N GLU A 295 1.04 40.00 -3.20
CA GLU A 295 1.22 39.21 -1.97
C GLU A 295 2.28 38.12 -2.20
N PHE A 296 3.20 38.03 -1.23
CA PHE A 296 4.27 37.05 -1.24
C PHE A 296 4.18 36.24 0.06
N VAL A 297 3.90 34.93 -0.07
CA VAL A 297 3.89 33.99 1.08
C VAL A 297 5.22 33.25 1.11
N CYS A 298 5.88 33.27 2.27
CA CYS A 298 7.03 32.40 2.53
C CYS A 298 6.66 31.50 3.71
N SER A 299 6.64 30.19 3.41
CA SER A 299 6.10 29.13 4.25
C SER A 299 7.06 27.94 4.23
N GLY A 300 6.77 26.94 5.07
CA GLY A 300 7.72 25.83 5.35
C GLY A 300 8.57 26.09 6.61
N GLY A 301 9.12 25.01 7.17
CA GLY A 301 9.93 25.05 8.40
C GLY A 301 10.73 26.33 8.52
N VAL A 302 11.66 26.49 7.56
CA VAL A 302 12.71 27.51 7.52
C VAL A 302 12.14 28.91 7.42
N SER A 303 10.82 29.07 7.19
CA SER A 303 10.19 30.40 6.99
C SER A 303 10.06 31.12 8.34
N SER A 304 10.24 30.35 9.41
CA SER A 304 10.23 30.86 10.78
C SER A 304 11.54 31.60 11.10
N ASN A 305 12.57 31.50 10.25
CA ASN A 305 13.87 32.18 10.46
C ASN A 305 13.72 33.70 10.23
N GLN A 306 14.42 34.51 11.03
CA GLN A 306 14.14 35.96 11.09
C GLN A 306 15.09 36.75 10.17
N ARG A 307 16.29 36.23 9.89
CA ARG A 307 17.16 36.86 8.89
C ARG A 307 16.51 36.68 7.51
N LEU A 308 15.98 35.48 7.26
CA LEU A 308 15.31 35.21 6.02
C LEU A 308 14.15 36.20 5.87
N ARG A 309 13.18 36.07 6.80
CA ARG A 309 12.00 36.91 6.82
C ARG A 309 12.35 38.33 6.37
N THR A 310 13.50 38.85 6.81
CA THR A 310 13.84 40.26 6.59
C THR A 310 14.71 40.43 5.34
N LYS A 311 15.63 39.50 5.04
CA LYS A 311 16.30 39.52 3.72
C LYS A 311 15.21 39.60 2.62
N LEU A 312 14.22 38.69 2.69
CA LEU A 312 13.02 38.75 1.80
C LEU A 312 12.44 40.19 1.72
N GLU A 313 12.02 40.70 2.89
CA GLU A 313 11.33 41.99 3.04
C GLU A 313 12.15 43.12 2.40
N THR A 314 13.46 43.15 2.70
CA THR A 314 14.33 44.21 2.25
C THR A 314 14.79 43.96 0.80
N GLU A 315 15.29 42.76 0.45
CA GLU A 315 16.08 42.60 -0.81
C GLU A 315 15.16 42.35 -2.03
N LEU A 316 13.84 42.27 -1.81
CA LEU A 316 12.86 42.43 -2.88
C LEU A 316 11.95 43.62 -2.56
N GLY A 317 12.45 44.54 -1.71
CA GLY A 317 11.99 45.93 -1.68
C GLY A 317 13.04 46.65 -2.52
N THR A 318 13.91 45.86 -3.19
CA THR A 318 15.07 46.36 -3.98
C THR A 318 14.68 47.74 -4.64
N LEU A 319 13.78 47.57 -5.62
CA LEU A 319 13.05 48.63 -6.25
C LEU A 319 11.66 48.04 -6.52
N ASN A 320 10.65 48.51 -5.78
CA ASN A 320 9.26 47.98 -5.84
C ASN A 320 8.65 48.37 -7.22
N SER A 321 8.50 47.37 -8.11
CA SER A 321 8.37 47.58 -9.57
C SER A 321 7.01 47.10 -10.10
N THR A 322 6.96 45.81 -10.47
CA THR A 322 5.76 45.15 -10.99
C THR A 322 4.70 45.13 -9.88
N SER A 323 5.15 45.20 -8.62
CA SER A 323 4.30 45.09 -7.44
C SER A 323 5.08 45.50 -6.18
N PHE A 324 4.37 45.94 -5.12
CA PHE A 324 4.95 46.04 -3.73
C PHE A 324 4.30 44.96 -2.86
N PHE A 325 5.12 44.00 -2.44
CA PHE A 325 4.66 42.77 -1.80
C PHE A 325 4.31 43.00 -0.33
N ASN A 326 3.10 42.53 0.06
CA ASN A 326 2.72 42.28 1.47
C ASN A 326 3.06 40.84 1.88
N PHE A 327 4.12 40.67 2.67
CA PHE A 327 4.59 39.31 3.06
C PHE A 327 3.67 38.67 4.11
N TYR A 328 3.54 37.35 4.06
CA TYR A 328 2.74 36.56 4.99
C TYR A 328 3.57 35.31 5.34
N TYR A 329 3.86 35.11 6.64
CA TYR A 329 4.64 33.94 7.09
C TYR A 329 3.85 33.13 8.12
N PRO A 330 2.94 32.24 7.68
CA PRO A 330 2.35 31.20 8.53
C PRO A 330 3.18 30.56 9.64
N PRO A 331 2.54 30.12 10.75
CA PRO A 331 3.26 29.52 11.88
C PRO A 331 3.93 28.18 11.54
N MET A 332 4.79 27.66 12.43
CA MET A 332 5.52 26.46 12.05
C MET A 332 4.67 25.21 12.25
N ASP A 333 3.67 25.29 13.13
CA ASP A 333 2.76 24.17 13.34
C ASP A 333 1.93 23.91 12.08
N LEU A 334 1.90 24.86 11.13
CA LEU A 334 1.20 24.69 9.81
C LEU A 334 2.20 24.47 8.66
N CYS A 335 3.39 25.05 8.77
CA CYS A 335 4.41 24.98 7.71
C CYS A 335 5.02 23.58 7.58
N SER A 336 5.44 22.99 8.72
CA SER A 336 5.90 21.57 8.79
C SER A 336 4.74 20.71 8.31
N ASP A 337 5.04 19.49 7.82
CA ASP A 337 3.98 18.66 7.22
C ASP A 337 2.88 18.48 8.29
N ASN A 338 1.62 18.60 7.86
CA ASN A 338 0.48 18.18 8.68
C ASN A 338 -0.72 17.89 7.79
N SER A 339 -1.75 17.26 8.38
CA SER A 339 -2.95 16.87 7.66
C SER A 339 -3.97 18.02 7.59
N ILE A 340 -3.76 19.11 8.34
CA ILE A 340 -4.71 20.24 8.38
C ILE A 340 -4.76 20.91 7.00
N MET A 341 -3.59 21.17 6.44
CA MET A 341 -3.48 21.84 5.17
C MET A 341 -4.14 21.00 4.06
N ILE A 342 -4.05 19.66 4.20
CA ILE A 342 -4.73 18.73 3.26
C ILE A 342 -6.23 19.03 3.32
N GLY A 343 -6.77 18.86 4.52
CA GLY A 343 -8.17 19.14 4.81
C GLY A 343 -8.60 20.49 4.25
N TRP A 344 -7.80 21.55 4.50
CA TRP A 344 -8.13 22.88 3.94
C TRP A 344 -8.14 22.83 2.39
N ALA A 345 -7.05 22.33 1.75
CA ALA A 345 -7.03 22.16 0.27
C ALA A 345 -8.34 21.52 -0.22
N GLY A 346 -8.72 20.41 0.43
CA GLY A 346 -10.00 19.74 0.15
C GLY A 346 -11.22 20.66 0.21
N ILE A 347 -11.29 21.53 1.23
CA ILE A 347 -12.39 22.48 1.38
C ILE A 347 -12.46 23.37 0.13
N GLU A 348 -11.31 24.00 -0.14
CA GLU A 348 -11.14 24.87 -1.26
C GLU A 348 -11.64 24.14 -2.51
N ILE A 349 -11.10 22.94 -2.74
CA ILE A 349 -11.43 22.22 -3.98
C ILE A 349 -12.93 21.93 -4.03
N TRP A 350 -13.48 21.43 -2.90
CA TRP A 350 -14.89 21.03 -2.84
C TRP A 350 -15.84 22.20 -3.10
N GLU A 351 -15.46 23.38 -2.58
CA GLU A 351 -16.41 24.45 -2.49
C GLU A 351 -16.37 25.30 -3.76
N SER A 352 -15.15 25.73 -4.14
CA SER A 352 -14.82 26.57 -5.33
C SER A 352 -15.02 25.83 -6.66
N LEU A 353 -14.42 24.63 -6.76
CA LEU A 353 -14.38 23.83 -7.96
C LEU A 353 -15.50 22.78 -7.96
N ARG A 354 -16.21 22.62 -6.85
CA ARG A 354 -17.26 21.58 -6.78
C ARG A 354 -16.77 20.28 -7.45
N LEU A 355 -15.61 19.82 -7.01
CA LEU A 355 -15.00 18.61 -7.47
C LEU A 355 -14.84 17.61 -6.31
N VAL A 356 -14.82 16.32 -6.66
CA VAL A 356 -14.36 15.24 -5.77
C VAL A 356 -13.59 14.19 -6.58
N SER A 357 -12.97 13.27 -5.84
CA SER A 357 -12.27 12.13 -6.38
C SER A 357 -13.20 10.90 -6.40
N ASP A 358 -13.12 10.17 -7.50
CA ASP A 358 -13.62 8.81 -7.69
C ASP A 358 -12.91 7.85 -6.73
N LEU A 359 -13.57 6.75 -6.32
CA LEU A 359 -12.92 5.81 -5.37
C LEU A 359 -11.82 4.99 -6.06
N ASP A 360 -11.69 5.08 -7.38
CA ASP A 360 -10.62 4.31 -8.07
C ASP A 360 -9.30 5.08 -8.05
N ILE A 361 -9.27 6.28 -7.49
CA ILE A 361 -7.98 7.03 -7.51
C ILE A 361 -6.87 6.15 -6.87
N CYS A 362 -5.70 6.16 -7.53
CA CYS A 362 -4.47 5.54 -7.05
C CYS A 362 -3.42 6.63 -6.77
N PRO A 363 -2.31 6.30 -6.05
CA PRO A 363 -1.20 7.22 -5.86
C PRO A 363 -0.65 7.79 -7.16
N ILE A 364 0.06 8.91 -7.06
CA ILE A 364 0.83 9.47 -8.17
C ILE A 364 2.23 9.82 -7.62
N ARG A 365 3.28 9.15 -8.12
CA ARG A 365 4.64 9.18 -7.53
C ARG A 365 5.15 10.60 -7.68
N GLN A 366 4.88 11.13 -8.87
CA GLN A 366 5.42 12.37 -9.36
C GLN A 366 4.31 13.06 -10.17
N TRP A 367 3.76 14.17 -9.61
CA TRP A 367 2.51 14.83 -10.01
C TRP A 367 2.77 16.31 -10.27
N PRO A 368 2.99 16.72 -11.53
CA PRO A 368 3.06 18.13 -11.90
C PRO A 368 1.85 18.92 -11.43
N LEU A 369 2.14 19.92 -10.59
CA LEU A 369 1.16 20.87 -10.09
C LEU A 369 0.29 21.46 -11.21
N ASN A 370 0.88 21.75 -12.38
CA ASN A 370 0.10 22.16 -13.58
C ASN A 370 -0.86 21.04 -14.03
N ASP A 371 -0.54 19.78 -13.72
CA ASP A 371 -1.43 18.68 -14.13
C ASP A 371 -2.46 18.37 -13.01
N LEU A 372 -2.61 19.28 -12.04
CA LEU A 372 -3.43 19.03 -10.86
C LEU A 372 -4.77 18.39 -11.26
N LEU A 373 -5.43 18.90 -12.30
CA LEU A 373 -6.72 18.37 -12.71
C LEU A 373 -6.65 17.62 -14.04
N SER A 374 -5.46 17.46 -14.65
CA SER A 374 -5.26 16.65 -15.90
C SER A 374 -5.56 15.18 -15.61
N VAL A 375 -4.76 14.61 -14.72
CA VAL A 375 -4.79 13.22 -14.27
C VAL A 375 -6.21 12.73 -14.09
N ASP A 376 -6.35 11.40 -14.07
CA ASP A 376 -7.64 10.76 -13.89
C ASP A 376 -8.09 10.96 -12.42
N GLY A 377 -9.40 10.91 -12.21
CA GLY A 377 -9.98 10.78 -10.87
C GLY A 377 -11.07 11.80 -10.61
N TRP A 378 -10.84 13.03 -11.02
CA TRP A 378 -11.68 14.11 -10.66
C TRP A 378 -13.05 13.89 -11.21
N ARG A 379 -14.06 14.43 -10.54
CA ARG A 379 -15.43 14.35 -10.99
C ARG A 379 -16.22 15.50 -10.33
N THR A 380 -17.19 16.03 -11.06
CA THR A 380 -17.93 17.19 -10.63
C THR A 380 -19.00 16.74 -9.64
N ASP A 381 -19.22 17.58 -8.64
CA ASP A 381 -20.45 17.44 -7.84
C ASP A 381 -21.41 18.14 -8.78
N GLN A 382 -22.06 19.22 -8.38
CA GLN A 382 -22.85 19.91 -9.42
C GLN A 382 -22.53 21.41 -9.33
N LEU A 383 -21.43 21.80 -9.98
CA LEU A 383 -20.88 23.19 -10.00
C LEU A 383 -22.02 24.22 -10.08
N ARG B 6 -30.92 -10.10 20.37
CA ARG B 6 -29.45 -10.18 20.03
C ARG B 6 -29.16 -11.59 19.51
N LYS B 7 -29.05 -11.70 18.18
CA LYS B 7 -28.86 -12.95 17.45
C LYS B 7 -28.63 -12.61 15.97
N GLY B 8 -27.48 -13.02 15.43
CA GLY B 8 -27.11 -12.73 14.05
C GLY B 8 -26.10 -11.59 13.98
N TYR B 9 -25.05 -11.78 13.17
CA TYR B 9 -24.11 -10.72 12.82
C TYR B 9 -23.72 -10.87 11.35
N LYS B 10 -23.35 -9.76 10.74
CA LYS B 10 -22.95 -9.75 9.35
C LYS B 10 -21.46 -9.39 9.33
N VAL B 11 -20.81 -9.88 8.27
CA VAL B 11 -19.37 -9.95 8.13
C VAL B 11 -18.99 -9.36 6.78
N LEU B 12 -18.12 -8.34 6.79
CA LEU B 12 -17.52 -7.96 5.55
C LEU B 12 -16.12 -8.55 5.43
N ALA B 13 -15.88 -9.24 4.31
CA ALA B 13 -14.67 -10.03 4.04
C ALA B 13 -14.00 -9.57 2.74
N ILE B 14 -12.68 -9.31 2.84
CA ILE B 14 -11.87 -8.84 1.75
C ILE B 14 -10.70 -9.81 1.49
N GLU B 15 -10.54 -10.19 0.20
CA GLU B 15 -9.37 -11.00 -0.27
C GLU B 15 -8.62 -10.28 -1.40
N THR B 16 -7.31 -10.05 -1.22
CA THR B 16 -6.43 -9.36 -2.20
C THR B 16 -4.99 -9.94 -2.25
N SER B 17 -4.82 -11.22 -1.90
CA SER B 17 -3.45 -11.79 -1.85
C SER B 17 -2.97 -12.11 -3.28
N CYS B 18 -3.93 -12.40 -4.16
CA CYS B 18 -3.72 -12.97 -5.49
C CYS B 18 -3.73 -11.86 -6.55
N ASP B 19 -4.23 -12.21 -7.74
CA ASP B 19 -4.40 -11.30 -8.85
C ASP B 19 -5.80 -10.70 -8.86
N ASP B 20 -6.77 -11.36 -8.23
CA ASP B 20 -8.17 -10.93 -8.27
C ASP B 20 -8.57 -10.34 -6.91
N THR B 21 -9.14 -9.13 -6.96
CA THR B 21 -9.74 -8.44 -5.82
C THR B 21 -11.11 -9.01 -5.51
N CYS B 22 -11.30 -9.43 -4.25
CA CYS B 22 -12.52 -10.10 -3.85
C CYS B 22 -13.13 -9.46 -2.61
N VAL B 23 -14.46 -9.27 -2.64
CA VAL B 23 -15.24 -8.71 -1.49
C VAL B 23 -16.52 -9.51 -1.29
N SER B 24 -16.84 -9.85 -0.05
CA SER B 24 -18.10 -10.53 0.16
C SER B 24 -18.73 -10.06 1.45
N VAL B 25 -20.01 -10.40 1.57
CA VAL B 25 -20.74 -10.12 2.75
C VAL B 25 -21.52 -11.37 3.17
N LEU B 26 -21.33 -11.77 4.44
CA LEU B 26 -22.00 -12.90 4.96
C LEU B 26 -22.93 -12.46 6.09
N ASP B 27 -24.17 -12.96 6.02
CA ASP B 27 -25.12 -12.89 7.14
C ASP B 27 -25.04 -14.19 7.93
N ARG B 28 -24.38 -14.07 9.08
CA ARG B 28 -24.19 -15.13 10.05
C ARG B 28 -25.38 -14.98 10.99
N PHE B 29 -26.51 -15.49 10.53
CA PHE B 29 -27.78 -15.20 11.18
C PHE B 29 -28.00 -16.09 12.42
N SER B 30 -27.57 -17.35 12.38
CA SER B 30 -27.57 -18.23 13.52
C SER B 30 -26.15 -18.75 13.74
N LYS B 31 -25.73 -18.83 15.02
CA LYS B 31 -24.50 -19.55 15.38
C LYS B 31 -24.69 -21.06 15.14
N SER B 32 -25.93 -21.49 14.88
CA SER B 32 -26.27 -22.92 14.63
C SER B 32 -26.15 -23.26 13.15
N ALA B 33 -26.26 -22.27 12.26
CA ALA B 33 -26.40 -22.50 10.81
C ALA B 33 -25.27 -21.82 10.02
N ALA B 34 -25.03 -22.39 8.83
CA ALA B 34 -24.17 -21.78 7.83
C ALA B 34 -24.65 -20.36 7.60
N PRO B 35 -23.73 -19.41 7.32
CA PRO B 35 -24.14 -18.05 7.03
C PRO B 35 -24.79 -18.08 5.63
N ASN B 36 -25.52 -17.00 5.30
CA ASN B 36 -26.06 -16.74 3.98
C ASN B 36 -25.20 -15.68 3.29
N VAL B 37 -24.89 -15.91 2.00
CA VAL B 37 -24.10 -14.97 1.26
C VAL B 37 -24.99 -13.89 0.66
N LEU B 38 -24.89 -12.69 1.19
CA LEU B 38 -25.60 -11.54 0.71
C LEU B 38 -24.97 -10.97 -0.58
N ALA B 39 -23.64 -11.03 -0.68
CA ALA B 39 -22.91 -10.48 -1.81
C ALA B 39 -21.54 -11.14 -1.92
N ASN B 40 -21.17 -11.45 -3.15
CA ASN B 40 -19.95 -12.10 -3.42
C ASN B 40 -19.39 -11.55 -4.72
N LEU B 41 -18.39 -10.66 -4.62
CA LEU B 41 -17.84 -9.97 -5.80
C LEU B 41 -16.36 -10.32 -5.98
N LYS B 42 -16.05 -10.71 -7.22
CA LYS B 42 -14.70 -11.02 -7.65
C LYS B 42 -14.49 -10.31 -8.98
N ASP B 43 -13.56 -9.34 -8.97
CA ASP B 43 -13.20 -8.57 -10.13
C ASP B 43 -11.71 -8.86 -10.37
N THR B 44 -11.49 -9.66 -11.43
CA THR B 44 -10.20 -10.31 -11.72
C THR B 44 -9.33 -9.35 -12.54
N LEU B 45 -8.01 -9.64 -12.51
CA LEU B 45 -6.97 -8.94 -13.28
C LEU B 45 -7.01 -9.36 -14.76
N ASP B 46 -7.59 -10.54 -15.03
CA ASP B 46 -7.64 -11.16 -16.37
C ASP B 46 -9.01 -10.87 -17.03
N SER B 47 -9.93 -10.23 -16.29
CA SER B 47 -11.31 -9.87 -16.75
C SER B 47 -11.35 -8.43 -17.30
N ILE B 48 -10.24 -7.70 -17.18
CA ILE B 48 -10.09 -6.34 -17.71
C ILE B 48 -9.00 -6.38 -18.79
N ASP B 49 -8.73 -7.58 -19.33
CA ASP B 49 -7.62 -7.91 -20.27
C ASP B 49 -8.17 -8.54 -21.57
N GLU B 50 -9.08 -9.52 -21.45
CA GLU B 50 -9.68 -10.24 -22.61
C GLU B 50 -10.38 -9.23 -23.54
N GLY B 51 -11.50 -8.66 -23.07
CA GLY B 51 -12.09 -7.44 -23.63
C GLY B 51 -11.47 -6.22 -22.97
N GLY B 52 -10.17 -6.00 -23.24
CA GLY B 52 -9.32 -5.05 -22.51
C GLY B 52 -8.01 -4.72 -23.22
N ILE B 53 -7.24 -5.75 -23.60
CA ILE B 53 -5.84 -5.64 -24.10
C ILE B 53 -5.17 -4.42 -23.44
N ILE B 54 -5.30 -4.34 -22.10
CA ILE B 54 -4.69 -3.30 -21.22
C ILE B 54 -4.09 -3.99 -20.00
N PRO B 55 -2.75 -4.26 -19.97
CA PRO B 55 -2.12 -5.04 -18.88
C PRO B 55 -1.69 -4.23 -17.64
N THR B 56 -2.38 -4.46 -16.50
CA THR B 56 -2.22 -3.72 -15.21
C THR B 56 -1.38 -4.57 -14.23
N LYS B 57 -0.87 -3.93 -13.16
CA LYS B 57 0.00 -4.53 -12.11
C LYS B 57 -0.81 -4.73 -10.82
N ALA B 58 -0.83 -5.96 -10.30
CA ALA B 58 -1.79 -6.48 -9.30
C ALA B 58 -2.08 -5.50 -8.16
N HIS B 59 -1.05 -4.87 -7.57
CA HIS B 59 -1.19 -3.99 -6.35
C HIS B 59 -1.98 -2.74 -6.70
N ILE B 60 -1.82 -2.29 -7.95
CA ILE B 60 -2.56 -1.17 -8.54
C ILE B 60 -3.98 -1.63 -8.88
N HIS B 61 -4.16 -2.88 -9.28
CA HIS B 61 -5.52 -3.43 -9.60
C HIS B 61 -6.43 -3.41 -8.37
N HIS B 62 -5.88 -3.86 -7.22
CA HIS B 62 -6.59 -3.92 -5.96
C HIS B 62 -6.87 -2.51 -5.42
N GLN B 63 -5.87 -1.62 -5.56
CA GLN B 63 -5.94 -0.21 -5.15
C GLN B 63 -7.09 0.49 -5.86
N ALA B 64 -7.25 0.18 -7.16
CA ALA B 64 -8.24 0.82 -8.02
C ALA B 64 -9.63 0.19 -7.86
N ARG B 65 -9.71 -1.10 -7.52
CA ARG B 65 -10.99 -1.80 -7.56
C ARG B 65 -11.58 -2.03 -6.15
N ILE B 66 -10.77 -2.12 -5.08
CA ILE B 66 -11.33 -2.37 -3.73
C ILE B 66 -12.40 -1.32 -3.34
N GLY B 67 -12.25 -0.05 -3.72
CA GLY B 67 -13.24 0.95 -3.31
C GLY B 67 -14.61 0.69 -3.94
N PRO B 68 -14.74 0.77 -5.27
CA PRO B 68 -16.02 0.49 -5.92
C PRO B 68 -16.63 -0.88 -5.60
N LEU B 69 -15.77 -1.88 -5.40
CA LEU B 69 -16.22 -3.23 -5.18
C LEU B 69 -16.94 -3.33 -3.82
N THR B 70 -16.30 -2.91 -2.73
CA THR B 70 -16.99 -2.97 -1.43
C THR B 70 -18.23 -2.07 -1.49
N GLU B 71 -18.14 -0.90 -2.16
CA GLU B 71 -19.34 -0.02 -2.38
C GLU B 71 -20.49 -0.82 -3.01
N ARG B 72 -20.21 -1.49 -4.12
CA ARG B 72 -21.22 -2.34 -4.81
C ARG B 72 -21.75 -3.40 -3.84
N ALA B 73 -20.82 -4.06 -3.12
CA ALA B 73 -21.14 -5.20 -2.27
C ALA B 73 -22.13 -4.75 -1.19
N LEU B 74 -21.82 -3.61 -0.60
CA LEU B 74 -22.62 -3.08 0.50
C LEU B 74 -24.03 -2.75 -0.01
N ILE B 75 -24.13 -2.19 -1.23
CA ILE B 75 -25.40 -1.84 -1.88
C ILE B 75 -26.20 -3.13 -2.17
N GLU B 76 -25.61 -4.04 -2.94
CA GLU B 76 -26.24 -5.30 -3.24
C GLU B 76 -26.77 -5.92 -1.94
N SER B 77 -25.92 -5.96 -0.90
CA SER B 77 -26.27 -6.66 0.37
C SER B 77 -27.24 -5.81 1.21
N ASN B 78 -27.32 -4.53 0.91
CA ASN B 78 -28.11 -3.56 1.65
C ASN B 78 -27.70 -3.54 3.12
N ALA B 79 -26.39 -3.46 3.37
CA ALA B 79 -25.82 -3.77 4.68
C ALA B 79 -24.77 -2.73 5.17
N ARG B 80 -24.83 -1.48 4.69
CA ARG B 80 -23.75 -0.55 5.03
C ARG B 80 -23.75 -0.25 6.53
N GLU B 81 -24.93 -0.06 7.11
CA GLU B 81 -25.05 0.33 8.53
C GLU B 81 -25.18 -0.92 9.41
N GLY B 82 -24.63 -2.05 8.95
CA GLY B 82 -25.02 -3.38 9.39
C GLY B 82 -23.85 -4.32 9.69
N ILE B 83 -22.65 -4.02 9.20
CA ILE B 83 -21.53 -4.93 9.36
C ILE B 83 -21.09 -4.92 10.82
N ASP B 84 -20.69 -6.11 11.33
CA ASP B 84 -20.28 -6.33 12.74
C ASP B 84 -18.81 -6.75 12.88
N LEU B 85 -18.35 -7.55 11.92
CA LEU B 85 -16.96 -7.98 11.82
C LEU B 85 -16.42 -7.69 10.40
N ILE B 86 -15.17 -7.20 10.35
CA ILE B 86 -14.44 -7.15 9.07
C ILE B 86 -13.33 -8.19 9.11
N CYS B 87 -13.33 -9.11 8.16
CA CYS B 87 -12.26 -10.07 8.02
C CYS B 87 -11.42 -9.72 6.77
N VAL B 88 -10.11 -9.97 6.80
CA VAL B 88 -9.26 -9.57 5.65
C VAL B 88 -7.96 -10.39 5.60
N THR B 89 -7.59 -10.76 4.37
CA THR B 89 -6.38 -11.52 4.16
C THR B 89 -5.12 -10.69 4.49
N ARG B 90 -4.38 -11.13 5.52
CA ARG B 90 -3.21 -10.40 6.07
C ARG B 90 -1.92 -10.92 5.43
N GLY B 91 -1.90 -12.22 5.16
CA GLY B 91 -0.81 -12.89 4.49
C GLY B 91 -1.21 -14.34 4.20
N PRO B 92 -0.43 -15.06 3.36
CA PRO B 92 0.83 -14.63 2.77
C PRO B 92 0.53 -14.03 1.40
N GLY B 93 1.50 -13.30 0.83
CA GLY B 93 1.33 -12.77 -0.55
C GLY B 93 2.23 -11.57 -0.81
N MET B 94 2.09 -10.96 -2.00
CA MET B 94 2.81 -9.72 -2.31
C MET B 94 2.25 -8.64 -1.39
N PRO B 95 3.10 -8.03 -0.55
CA PRO B 95 2.64 -7.12 0.51
C PRO B 95 2.10 -5.77 0.02
N GLY B 96 2.25 -5.49 -1.28
CA GLY B 96 1.53 -4.44 -1.89
C GLY B 96 0.07 -4.84 -2.06
N SER B 97 -0.12 -6.05 -2.61
CA SER B 97 -1.45 -6.49 -2.93
C SER B 97 -2.26 -6.66 -1.64
N LEU B 98 -1.57 -7.12 -0.58
CA LEU B 98 -2.12 -7.28 0.75
C LEU B 98 -2.47 -5.92 1.36
N SER B 99 -1.54 -4.96 1.30
CA SER B 99 -1.78 -3.65 1.94
C SER B 99 -3.00 -2.95 1.31
N GLY B 100 -3.22 -3.21 0.02
CA GLY B 100 -4.44 -2.74 -0.66
C GLY B 100 -5.69 -3.07 0.12
N GLY B 101 -5.94 -4.38 0.34
CA GLY B 101 -7.06 -4.82 1.11
C GLY B 101 -6.96 -4.41 2.57
N LEU B 102 -5.79 -4.63 3.17
CA LEU B 102 -5.64 -4.45 4.61
C LEU B 102 -5.90 -2.99 5.04
N ASP B 103 -5.27 -2.04 4.34
CA ASP B 103 -5.31 -0.67 4.84
C ASP B 103 -6.76 -0.16 4.68
N PHE B 104 -7.43 -0.67 3.65
CA PHE B 104 -8.82 -0.34 3.34
C PHE B 104 -9.74 -0.95 4.41
N ALA B 105 -9.53 -2.23 4.70
CA ALA B 105 -10.27 -2.93 5.74
C ALA B 105 -10.13 -2.21 7.09
N LYS B 106 -8.95 -1.63 7.33
CA LYS B 106 -8.74 -0.88 8.53
C LYS B 106 -9.67 0.35 8.52
N GLY B 107 -9.81 0.97 7.35
CA GLY B 107 -10.70 2.12 7.20
C GLY B 107 -12.12 1.76 7.59
N LEU B 108 -12.59 0.62 7.12
CA LEU B 108 -13.96 0.28 7.38
C LEU B 108 -14.11 0.16 8.89
N ALA B 109 -13.19 -0.59 9.50
CA ALA B 109 -13.24 -0.93 10.90
C ALA B 109 -13.27 0.34 11.75
N VAL B 110 -12.43 1.33 11.44
CA VAL B 110 -12.34 2.50 12.27
C VAL B 110 -13.62 3.32 12.12
N ALA B 111 -13.98 3.64 10.88
CA ALA B 111 -15.21 4.31 10.52
C ALA B 111 -16.40 3.68 11.25
N TRP B 112 -16.49 2.35 11.21
CA TRP B 112 -17.65 1.65 11.78
C TRP B 112 -17.51 1.37 13.28
N ASN B 113 -16.31 1.59 13.84
CA ASN B 113 -15.95 1.14 15.20
C ASN B 113 -16.26 -0.35 15.36
N LYS B 114 -15.72 -1.21 14.48
CA LYS B 114 -16.00 -2.64 14.55
C LYS B 114 -14.70 -3.42 14.48
N PRO B 115 -14.64 -4.63 15.03
CA PRO B 115 -13.45 -5.45 14.97
C PRO B 115 -13.04 -5.95 13.56
N LEU B 116 -11.72 -6.05 13.41
CA LEU B 116 -11.00 -6.51 12.22
C LEU B 116 -10.30 -7.82 12.54
N ILE B 117 -10.32 -8.77 11.62
CA ILE B 117 -9.51 -9.97 11.75
C ILE B 117 -8.61 -10.11 10.51
N GLY B 118 -7.30 -10.11 10.74
CA GLY B 118 -6.36 -10.38 9.69
C GLY B 118 -6.07 -11.87 9.66
N VAL B 119 -6.39 -12.45 8.51
CA VAL B 119 -6.54 -13.85 8.30
C VAL B 119 -5.41 -14.40 7.40
N HIS B 120 -5.05 -15.66 7.67
CA HIS B 120 -4.15 -16.47 6.84
C HIS B 120 -4.88 -16.94 5.58
N HIS B 121 -4.32 -16.60 4.41
CA HIS B 121 -4.95 -16.93 3.14
C HIS B 121 -5.33 -18.41 3.06
N MET B 122 -4.41 -19.26 3.54
CA MET B 122 -4.49 -20.65 3.34
C MET B 122 -5.51 -21.27 4.30
N LEU B 123 -5.58 -20.72 5.51
CA LEU B 123 -6.59 -21.09 6.47
C LEU B 123 -7.98 -20.96 5.85
N GLY B 124 -8.17 -19.96 4.98
CA GLY B 124 -9.39 -19.83 4.15
C GLY B 124 -9.62 -21.09 3.32
N HIS B 125 -8.68 -21.39 2.43
CA HIS B 125 -8.79 -22.60 1.65
C HIS B 125 -9.15 -23.79 2.56
N LEU B 126 -8.50 -23.86 3.73
CA LEU B 126 -8.63 -25.04 4.61
C LEU B 126 -10.04 -25.15 5.14
N LEU B 127 -10.49 -24.04 5.76
CA LEU B 127 -11.67 -24.06 6.53
C LEU B 127 -12.95 -23.98 5.67
N ILE B 128 -12.85 -23.81 4.34
CA ILE B 128 -14.03 -23.41 3.56
C ILE B 128 -15.03 -24.57 3.50
N PRO B 129 -14.61 -25.83 3.23
CA PRO B 129 -15.60 -26.91 3.15
C PRO B 129 -16.38 -27.20 4.43
N ARG B 130 -16.23 -26.38 5.46
CA ARG B 130 -16.90 -26.55 6.74
C ARG B 130 -18.04 -25.52 6.86
N MET B 131 -17.96 -24.48 6.04
CA MET B 131 -18.95 -23.42 6.08
C MET B 131 -20.32 -24.04 5.81
N GLY B 132 -20.35 -24.95 4.84
CA GLY B 132 -21.56 -25.64 4.39
C GLY B 132 -22.35 -26.27 5.52
N THR B 133 -21.66 -26.69 6.59
CA THR B 133 -22.23 -27.49 7.69
C THR B 133 -21.92 -26.88 9.07
N ASN B 134 -21.47 -25.62 9.08
CA ASN B 134 -21.28 -24.84 10.32
C ASN B 134 -20.15 -25.48 11.15
N GLY B 135 -19.27 -26.22 10.47
CA GLY B 135 -18.07 -26.80 11.08
C GLY B 135 -18.31 -28.16 11.71
N LYS B 136 -19.27 -28.91 11.17
CA LYS B 136 -19.53 -30.27 11.56
C LYS B 136 -18.80 -31.23 10.61
N VAL B 137 -18.65 -30.84 9.34
CA VAL B 137 -17.92 -31.67 8.37
C VAL B 137 -16.94 -30.86 7.52
N PRO B 138 -15.68 -31.28 7.32
CA PRO B 138 -15.03 -32.29 8.15
C PRO B 138 -14.67 -31.78 9.57
N GLN B 139 -14.70 -32.68 10.57
CA GLN B 139 -14.29 -32.33 11.92
C GLN B 139 -12.81 -32.68 12.09
N PHE B 140 -12.15 -31.98 13.02
CA PHE B 140 -10.77 -32.17 13.15
C PHE B 140 -10.54 -33.49 13.86
N PRO B 141 -9.33 -34.07 13.70
CA PRO B 141 -8.44 -33.69 12.62
C PRO B 141 -8.87 -34.18 11.25
N PHE B 142 -8.41 -33.45 10.21
CA PHE B 142 -8.47 -33.86 8.81
C PHE B 142 -7.24 -33.38 8.06
N VAL B 143 -7.12 -33.87 6.82
CA VAL B 143 -6.04 -33.49 5.99
C VAL B 143 -6.63 -32.95 4.69
N SER B 144 -5.89 -32.03 4.06
CA SER B 144 -6.39 -31.18 2.99
C SER B 144 -5.27 -31.01 1.97
N LEU B 145 -5.54 -31.42 0.73
CA LEU B 145 -4.64 -31.17 -0.39
C LEU B 145 -5.13 -29.95 -1.21
N LEU B 146 -4.47 -28.80 -1.01
CA LEU B 146 -4.65 -27.58 -1.81
C LEU B 146 -3.90 -27.70 -3.14
N VAL B 147 -4.64 -27.54 -4.24
CA VAL B 147 -4.06 -27.68 -5.56
C VAL B 147 -4.65 -26.58 -6.46
N SER B 148 -4.07 -25.38 -6.35
CA SER B 148 -4.47 -24.25 -7.16
C SER B 148 -3.40 -23.90 -8.21
N GLY B 149 -3.64 -22.83 -8.97
CA GLY B 149 -2.65 -22.25 -9.85
C GLY B 149 -1.49 -21.62 -9.06
N GLY B 150 -1.70 -21.42 -7.75
CA GLY B 150 -0.81 -20.60 -6.88
C GLY B 150 -0.39 -21.27 -5.57
N HIS B 151 -1.04 -22.38 -5.18
CA HIS B 151 -0.52 -23.27 -4.14
C HIS B 151 -0.57 -24.72 -4.63
N THR B 152 0.36 -25.53 -4.11
CA THR B 152 0.18 -26.96 -4.05
C THR B 152 0.79 -27.45 -2.75
N THR B 153 -0.09 -27.87 -1.81
CA THR B 153 0.30 -28.20 -0.44
C THR B 153 -0.57 -29.29 0.16
N PHE B 154 0.00 -30.02 1.13
CA PHE B 154 -0.71 -31.04 1.89
C PHE B 154 -0.63 -30.67 3.36
N VAL B 155 -1.78 -30.61 4.03
CA VAL B 155 -1.89 -29.98 5.29
C VAL B 155 -2.76 -30.86 6.19
N LEU B 156 -2.17 -31.25 7.32
CA LEU B 156 -2.93 -31.78 8.41
C LEU B 156 -3.39 -30.64 9.32
N SER B 157 -4.69 -30.66 9.66
CA SER B 157 -5.29 -29.62 10.48
C SER B 157 -5.79 -30.30 11.74
N ARG B 158 -5.17 -30.00 12.89
CA ARG B 158 -5.47 -30.67 14.18
C ARG B 158 -6.60 -29.92 14.90
N ALA B 159 -6.49 -28.59 14.95
CA ALA B 159 -7.52 -27.72 15.56
C ALA B 159 -7.73 -26.49 14.65
N ILE B 160 -8.55 -25.54 15.09
CA ILE B 160 -8.67 -24.27 14.38
C ILE B 160 -7.35 -23.48 14.57
N ASP B 161 -6.76 -23.57 15.77
CA ASP B 161 -5.53 -22.82 16.10
C ASP B 161 -4.25 -23.65 15.90
N ASP B 162 -4.28 -24.71 15.07
CA ASP B 162 -3.15 -25.66 14.99
C ASP B 162 -3.16 -26.43 13.66
N HIS B 163 -2.23 -26.08 12.78
CA HIS B 163 -2.15 -26.67 11.43
C HIS B 163 -0.69 -26.91 11.07
N GLU B 164 -0.42 -28.04 10.43
CA GLU B 164 0.93 -28.42 10.08
C GLU B 164 0.95 -28.66 8.58
N ILE B 165 1.83 -27.94 7.87
CA ILE B 165 2.13 -28.25 6.47
C ILE B 165 2.98 -29.51 6.48
N LEU B 166 2.61 -30.49 5.65
CA LEU B 166 3.30 -31.78 5.56
C LEU B 166 4.22 -31.79 4.36
N CYS B 167 3.62 -31.46 3.22
CA CYS B 167 4.29 -31.49 1.96
C CYS B 167 3.92 -30.22 1.20
N ASP B 168 4.88 -29.69 0.45
CA ASP B 168 4.73 -28.38 -0.09
C ASP B 168 5.65 -28.21 -1.31
N THR B 169 5.22 -27.43 -2.31
CA THR B 169 6.05 -27.32 -3.52
C THR B 169 7.24 -26.38 -3.25
N ILE B 170 8.28 -26.55 -4.05
CA ILE B 170 9.54 -25.80 -3.93
C ILE B 170 9.74 -24.88 -5.13
N ASP B 171 9.07 -25.17 -6.24
CA ASP B 171 9.23 -24.39 -7.42
C ASP B 171 7.89 -23.69 -7.68
N ILE B 172 7.04 -24.26 -8.54
CA ILE B 172 5.76 -23.66 -8.88
C ILE B 172 4.64 -24.56 -8.38
N ALA B 173 3.39 -24.15 -8.61
CA ALA B 173 2.22 -24.98 -8.23
C ALA B 173 1.78 -25.84 -9.42
N VAL B 174 0.91 -26.79 -9.10
CA VAL B 174 0.54 -27.79 -10.06
C VAL B 174 -0.10 -27.07 -11.26
N GLY B 175 -1.11 -26.24 -10.96
CA GLY B 175 -2.01 -25.65 -11.97
C GLY B 175 -1.23 -24.80 -12.95
N ASP B 176 -0.31 -24.00 -12.40
CA ASP B 176 0.69 -23.32 -13.17
C ASP B 176 1.30 -24.28 -14.21
N SER B 177 1.98 -25.34 -13.75
CA SER B 177 2.78 -26.15 -14.67
C SER B 177 1.85 -26.82 -15.68
N LEU B 178 0.67 -27.25 -15.21
CA LEU B 178 -0.29 -27.88 -16.11
C LEU B 178 -0.69 -26.88 -17.22
N ASP B 179 -1.17 -25.70 -16.80
CA ASP B 179 -1.53 -24.58 -17.68
C ASP B 179 -0.39 -24.34 -18.68
N LYS B 180 0.86 -24.35 -18.18
CA LYS B 180 2.06 -24.14 -18.98
C LYS B 180 2.21 -25.25 -20.05
N CYS B 181 2.09 -26.51 -19.63
CA CYS B 181 2.19 -27.63 -20.57
C CYS B 181 1.11 -27.46 -21.65
N GLY B 182 -0.12 -27.24 -21.18
CA GLY B 182 -1.29 -26.96 -22.05
C GLY B 182 -0.99 -25.90 -23.09
N ARG B 183 -0.58 -24.70 -22.63
CA ARG B 183 -0.26 -23.57 -23.49
C ARG B 183 0.83 -23.92 -24.53
N GLU B 184 1.79 -24.80 -24.20
CA GLU B 184 2.84 -25.24 -25.16
C GLU B 184 2.23 -26.10 -26.28
N LEU B 185 1.04 -26.66 -26.01
CA LEU B 185 0.26 -27.40 -27.01
C LEU B 185 -0.83 -26.52 -27.63
N GLY B 186 -0.68 -25.20 -27.53
CA GLY B 186 -1.60 -24.25 -28.13
C GLY B 186 -3.03 -24.38 -27.61
N PHE B 187 -3.21 -24.38 -26.29
CA PHE B 187 -4.47 -23.97 -25.65
C PHE B 187 -4.25 -22.54 -25.17
N LYS B 188 -5.32 -21.75 -25.11
CA LYS B 188 -5.21 -20.30 -24.87
C LYS B 188 -6.07 -19.87 -23.69
N GLY B 189 -7.08 -20.67 -23.31
CA GLY B 189 -8.30 -20.24 -22.58
C GLY B 189 -8.03 -19.51 -21.27
N THR B 190 -9.11 -19.27 -20.52
CA THR B 190 -9.06 -18.56 -19.22
C THR B 190 -8.39 -19.45 -18.16
N MET B 191 -8.77 -20.74 -18.16
CA MET B 191 -8.19 -21.81 -17.34
C MET B 191 -7.66 -22.87 -18.31
N ILE B 192 -6.37 -22.82 -18.62
CA ILE B 192 -5.76 -23.58 -19.74
C ILE B 192 -5.94 -25.09 -19.52
N ALA B 193 -5.82 -25.54 -18.26
CA ALA B 193 -5.74 -26.97 -17.92
C ALA B 193 -7.15 -27.56 -17.73
N ARG B 194 -8.11 -26.71 -17.35
CA ARG B 194 -9.54 -27.09 -17.41
C ARG B 194 -9.88 -27.55 -18.82
N GLU B 195 -9.37 -26.78 -19.80
CA GLU B 195 -9.61 -27.02 -21.24
C GLU B 195 -8.94 -28.33 -21.66
N MET B 196 -7.71 -28.55 -21.20
CA MET B 196 -6.93 -29.71 -21.59
C MET B 196 -7.48 -30.99 -20.97
N GLU B 197 -8.28 -30.90 -19.88
CA GLU B 197 -8.93 -32.11 -19.39
C GLU B 197 -10.05 -32.50 -20.36
N LYS B 198 -10.90 -31.53 -20.67
CA LYS B 198 -11.99 -31.73 -21.61
C LYS B 198 -11.44 -32.41 -22.88
N PHE B 199 -10.36 -31.86 -23.43
CA PHE B 199 -9.70 -32.36 -24.65
C PHE B 199 -9.44 -33.88 -24.52
N ILE B 200 -8.73 -34.29 -23.44
CA ILE B 200 -8.45 -35.73 -23.21
C ILE B 200 -9.79 -36.51 -23.08
N ASN B 201 -10.72 -35.94 -22.31
CA ASN B 201 -12.00 -36.59 -22.00
C ASN B 201 -12.68 -37.20 -23.25
N GLN B 202 -12.65 -36.48 -24.37
CA GLN B 202 -13.61 -36.68 -25.48
C GLN B 202 -13.32 -37.97 -26.26
N ASP B 203 -12.21 -37.97 -27.03
CA ASP B 203 -11.82 -39.11 -27.88
C ASP B 203 -10.73 -39.91 -27.16
N ILE B 204 -11.18 -40.79 -26.25
CA ILE B 204 -10.31 -41.53 -25.36
C ILE B 204 -9.75 -42.73 -26.14
N ASN B 205 -10.62 -43.67 -26.49
CA ASN B 205 -10.24 -44.94 -27.11
C ASN B 205 -9.84 -44.67 -28.57
N ASP B 206 -8.66 -44.04 -28.73
CA ASP B 206 -8.41 -43.24 -29.92
C ASP B 206 -6.91 -42.88 -29.98
N GLN B 207 -6.46 -42.06 -29.01
CA GLN B 207 -5.13 -41.42 -29.02
C GLN B 207 -4.00 -42.43 -29.24
N ASP B 208 -3.07 -42.05 -30.11
CA ASP B 208 -1.91 -42.87 -30.54
C ASP B 208 -1.24 -43.51 -29.31
N PHE B 209 -1.62 -44.76 -29.01
CA PHE B 209 -1.11 -45.50 -27.84
C PHE B 209 0.35 -45.94 -28.06
N ALA B 210 0.92 -45.63 -29.24
CA ALA B 210 2.33 -45.84 -29.50
C ALA B 210 3.16 -44.67 -28.94
N LEU B 211 2.53 -43.51 -28.79
CA LEU B 211 3.16 -42.35 -28.15
C LEU B 211 3.32 -42.61 -26.65
N LYS B 212 4.57 -42.85 -26.22
CA LYS B 212 4.90 -43.03 -24.82
C LYS B 212 6.09 -42.12 -24.50
N LEU B 213 5.79 -40.86 -24.18
CA LEU B 213 6.82 -39.85 -23.81
C LEU B 213 7.31 -40.17 -22.40
N GLU B 214 8.53 -39.75 -22.07
CA GLU B 214 9.19 -40.03 -20.78
C GLU B 214 9.12 -38.79 -19.88
N MET B 215 8.38 -38.93 -18.79
CA MET B 215 8.18 -37.84 -17.83
C MET B 215 8.75 -38.33 -16.51
N PRO B 216 9.29 -37.43 -15.66
CA PRO B 216 9.85 -37.85 -14.38
C PRO B 216 8.77 -37.74 -13.30
N SER B 217 9.15 -38.05 -12.06
CA SER B 217 8.21 -37.98 -10.91
C SER B 217 9.05 -38.00 -9.64
N PRO B 218 10.02 -37.07 -9.50
CA PRO B 218 10.99 -36.95 -8.39
C PRO B 218 10.81 -37.88 -7.17
N LEU B 219 11.08 -39.18 -7.40
CA LEU B 219 10.92 -40.29 -6.42
C LEU B 219 12.14 -40.38 -5.51
N LYS B 220 13.18 -39.57 -5.78
CA LYS B 220 14.41 -39.50 -4.96
C LYS B 220 13.99 -39.43 -3.49
N ASN B 221 12.92 -38.70 -3.19
CA ASN B 221 12.49 -38.67 -1.77
C ASN B 221 12.09 -40.08 -1.30
N SER B 222 12.21 -41.08 -2.19
CA SER B 222 12.00 -42.51 -1.88
C SER B 222 13.39 -43.15 -1.82
N ALA B 223 14.39 -42.36 -1.44
CA ALA B 223 15.81 -42.78 -1.35
C ALA B 223 16.59 -41.70 -0.57
N SER B 224 16.96 -40.60 -1.25
CA SER B 224 17.71 -39.50 -0.60
C SER B 224 16.73 -38.50 0.03
N LYS B 225 16.36 -38.73 1.29
CA LYS B 225 15.40 -37.84 2.01
C LYS B 225 16.19 -36.72 2.71
N ARG B 226 15.85 -35.45 2.42
CA ARG B 226 16.58 -34.28 2.97
C ARG B 226 15.99 -33.87 4.33
N ASN B 227 14.96 -33.00 4.36
CA ASN B 227 14.54 -32.30 5.61
C ASN B 227 13.01 -32.16 5.71
N MET B 228 12.35 -31.54 4.72
CA MET B 228 10.88 -31.69 4.60
C MET B 228 10.58 -32.34 3.24
N LEU B 229 9.43 -33.00 3.16
CA LEU B 229 8.96 -33.53 1.89
C LEU B 229 8.37 -32.41 1.01
N SER B 230 8.39 -32.62 -0.30
CA SER B 230 8.19 -31.55 -1.24
C SER B 230 7.60 -32.04 -2.54
N PHE B 231 6.59 -31.33 -3.03
CA PHE B 231 6.17 -31.41 -4.41
C PHE B 231 7.15 -30.61 -5.26
N SER B 232 7.15 -30.83 -6.58
CA SER B 232 8.00 -30.07 -7.51
C SER B 232 7.54 -30.25 -8.96
N PHE B 233 7.25 -29.13 -9.65
CA PHE B 233 6.54 -29.19 -10.93
C PHE B 233 7.31 -28.57 -12.10
N SER B 234 8.35 -27.77 -11.82
CA SER B 234 9.01 -26.97 -12.85
C SER B 234 9.72 -27.86 -13.86
N ALA B 235 9.94 -29.13 -13.51
CA ALA B 235 10.62 -30.10 -14.37
C ALA B 235 9.72 -30.53 -15.56
N PHE B 236 8.40 -30.29 -15.49
CA PHE B 236 7.47 -30.92 -16.45
C PHE B 236 7.54 -30.29 -17.85
N ILE B 237 7.62 -28.95 -17.91
CA ILE B 237 7.46 -28.24 -19.18
C ILE B 237 8.75 -28.51 -19.98
N THR B 238 9.87 -28.69 -19.29
CA THR B 238 11.16 -28.96 -19.95
C THR B 238 11.15 -30.40 -20.53
N ALA B 239 10.75 -31.35 -19.68
CA ALA B 239 10.50 -32.70 -20.11
C ALA B 239 9.51 -32.85 -21.28
N LEU B 240 8.50 -31.99 -21.33
CA LEU B 240 7.56 -32.03 -22.49
C LEU B 240 8.30 -31.59 -23.76
N ARG B 241 8.88 -30.39 -23.69
CA ARG B 241 9.55 -29.70 -24.79
C ARG B 241 10.54 -30.63 -25.50
N THR B 242 11.33 -31.40 -24.73
CA THR B 242 12.42 -32.18 -25.28
C THR B 242 11.87 -33.46 -25.94
N ASN B 243 10.86 -34.08 -25.32
CA ASN B 243 10.11 -35.20 -25.91
C ASN B 243 9.46 -34.75 -27.23
N LEU B 244 8.93 -33.52 -27.24
CA LEU B 244 8.56 -32.88 -28.49
C LEU B 244 9.80 -32.80 -29.41
N THR B 245 10.91 -32.27 -28.87
CA THR B 245 12.19 -32.09 -29.63
C THR B 245 12.80 -33.43 -30.03
N LYS B 246 12.11 -34.54 -29.74
CA LYS B 246 12.49 -35.82 -30.27
C LYS B 246 11.54 -36.27 -31.39
N LEU B 247 10.26 -35.86 -31.37
CA LEU B 247 9.23 -36.53 -32.20
C LEU B 247 8.35 -35.52 -32.97
N GLY B 248 8.74 -34.24 -32.98
CA GLY B 248 7.93 -33.18 -33.56
C GLY B 248 7.48 -32.16 -32.52
N LYS B 249 8.43 -31.34 -32.07
CA LYS B 249 8.11 -30.07 -31.43
C LYS B 249 7.61 -29.15 -32.54
N THR B 250 8.34 -29.20 -33.67
CA THR B 250 8.08 -28.48 -34.92
C THR B 250 6.66 -28.77 -35.41
N GLU B 251 6.21 -30.02 -35.25
CA GLU B 251 4.91 -30.47 -35.68
C GLU B 251 3.82 -29.81 -34.82
N ILE B 252 4.23 -28.99 -33.84
CA ILE B 252 3.35 -28.17 -32.99
C ILE B 252 1.94 -28.10 -33.62
N GLN B 253 1.90 -27.82 -34.93
CA GLN B 253 0.65 -27.52 -35.66
C GLN B 253 0.05 -28.78 -36.31
N GLU B 254 0.73 -29.43 -37.27
CA GLU B 254 0.03 -30.42 -38.15
C GLU B 254 0.21 -31.83 -37.59
N LEU B 255 -0.04 -31.97 -36.28
CA LEU B 255 -0.31 -33.27 -35.65
C LEU B 255 -1.81 -33.51 -35.74
N PRO B 256 -2.32 -34.77 -35.63
CA PRO B 256 -3.76 -34.99 -35.66
C PRO B 256 -4.42 -34.55 -34.34
N GLU B 257 -5.69 -34.11 -34.40
CA GLU B 257 -6.52 -33.89 -33.21
C GLU B 257 -6.89 -35.26 -32.63
N ARG B 258 -5.90 -36.16 -32.66
CA ARG B 258 -5.92 -37.54 -32.19
C ARG B 258 -4.66 -37.79 -31.34
N GLU B 259 -3.50 -37.28 -31.80
CA GLU B 259 -2.23 -37.39 -31.09
C GLU B 259 -2.17 -36.36 -29.96
N ILE B 260 -2.38 -35.08 -30.31
CA ILE B 260 -2.23 -33.95 -29.37
C ILE B 260 -2.96 -34.30 -28.07
N ARG B 261 -4.02 -35.10 -28.20
CA ARG B 261 -4.86 -35.55 -27.10
C ARG B 261 -4.22 -36.74 -26.37
N SER B 262 -2.94 -37.05 -26.66
CA SER B 262 -2.24 -38.22 -26.08
C SER B 262 -1.03 -37.64 -25.30
N ILE B 263 -0.38 -36.60 -25.83
CA ILE B 263 0.61 -35.86 -25.01
C ILE B 263 -0.04 -35.32 -23.72
N ALA B 264 -1.24 -34.76 -23.92
CA ALA B 264 -2.15 -34.34 -22.84
C ALA B 264 -2.32 -35.25 -21.62
N TYR B 265 -2.71 -36.51 -21.86
CA TYR B 265 -3.16 -37.47 -20.82
C TYR B 265 -1.97 -37.97 -20.00
N GLN B 266 -0.83 -38.10 -20.68
CA GLN B 266 0.42 -38.57 -20.11
C GLN B 266 1.09 -37.45 -19.29
N VAL B 267 1.08 -36.21 -19.81
CA VAL B 267 1.56 -35.04 -19.07
C VAL B 267 0.79 -34.96 -17.74
N GLN B 268 -0.53 -35.10 -17.82
CA GLN B 268 -1.47 -35.04 -16.68
C GLN B 268 -1.22 -36.22 -15.73
N GLU B 269 -1.13 -37.41 -16.32
CA GLU B 269 -1.02 -38.64 -15.56
C GLU B 269 0.19 -38.56 -14.62
N SER B 270 1.33 -38.12 -15.16
CA SER B 270 2.67 -38.08 -14.50
C SER B 270 2.71 -37.06 -13.35
N VAL B 271 2.11 -35.89 -13.59
CA VAL B 271 2.09 -34.79 -12.67
C VAL B 271 1.10 -35.13 -11.55
N PHE B 272 0.06 -35.90 -11.87
CA PHE B 272 -0.85 -36.42 -10.85
C PHE B 272 -0.25 -37.64 -10.17
N ASP B 273 0.57 -38.41 -10.89
CA ASP B 273 1.37 -39.46 -10.31
C ASP B 273 2.27 -38.86 -9.21
N HIS B 274 3.01 -37.80 -9.53
CA HIS B 274 3.95 -37.16 -8.58
C HIS B 274 3.28 -36.79 -7.25
N ILE B 275 2.09 -36.18 -7.34
CA ILE B 275 1.35 -35.77 -6.16
C ILE B 275 1.01 -37.02 -5.32
N ILE B 276 0.52 -38.05 -6.00
CA ILE B 276 0.05 -39.28 -5.38
C ILE B 276 1.25 -39.96 -4.68
N ASN B 277 2.42 -39.90 -5.35
CA ASN B 277 3.73 -40.42 -4.89
C ASN B 277 4.10 -39.77 -3.53
N LYS B 278 4.24 -38.44 -3.50
CA LYS B 278 4.53 -37.75 -2.25
C LYS B 278 3.40 -37.93 -1.20
N LEU B 279 2.14 -37.99 -1.63
CA LEU B 279 1.05 -38.19 -0.68
C LEU B 279 1.24 -39.55 0.02
N LYS B 280 1.47 -40.57 -0.81
CA LYS B 280 1.78 -41.92 -0.35
C LYS B 280 2.95 -41.85 0.63
N HIS B 281 4.07 -41.25 0.19
CA HIS B 281 5.30 -41.20 1.01
C HIS B 281 5.09 -40.50 2.36
N VAL B 282 4.04 -39.69 2.50
CA VAL B 282 3.78 -38.97 3.76
C VAL B 282 2.98 -39.83 4.75
N LEU B 283 1.99 -40.54 4.24
CA LEU B 283 1.01 -41.18 5.10
C LEU B 283 1.63 -42.48 5.60
N LYS B 284 2.41 -43.06 4.68
CA LYS B 284 3.19 -44.25 4.90
C LYS B 284 4.05 -44.00 6.14
N SER B 285 4.84 -42.91 6.08
CA SER B 285 5.97 -42.68 6.97
C SER B 285 5.54 -42.18 8.37
N GLN B 286 4.32 -41.68 8.55
CA GLN B 286 3.94 -41.08 9.84
C GLN B 286 2.53 -41.48 10.25
N PRO B 287 2.24 -42.78 10.33
CA PRO B 287 0.86 -43.25 10.49
C PRO B 287 0.18 -42.69 11.75
N GLU B 288 1.02 -42.33 12.73
CA GLU B 288 0.60 -41.86 14.02
C GLU B 288 -0.30 -40.63 13.79
N LYS B 289 0.18 -39.66 12.98
CA LYS B 289 -0.51 -38.36 12.83
C LYS B 289 -1.92 -38.60 12.23
N PHE B 290 -1.98 -39.47 11.22
CA PHE B 290 -3.22 -39.71 10.49
C PHE B 290 -4.13 -40.78 11.13
N LYS B 291 -3.60 -41.56 12.07
CA LYS B 291 -4.41 -42.50 12.85
C LYS B 291 -5.83 -41.95 12.93
N ASN B 292 -5.98 -40.69 13.42
CA ASN B 292 -7.19 -40.20 14.10
C ASN B 292 -8.13 -39.41 13.18
N VAL B 293 -7.95 -39.52 11.85
CA VAL B 293 -8.58 -38.65 10.86
C VAL B 293 -9.29 -39.49 9.80
N ARG B 294 -10.58 -39.23 9.60
CA ARG B 294 -11.35 -40.05 8.64
C ARG B 294 -11.71 -39.23 7.39
N GLU B 295 -11.26 -37.99 7.32
CA GLU B 295 -11.68 -37.14 6.19
C GLU B 295 -10.51 -36.41 5.50
N PHE B 296 -10.60 -36.36 4.17
CA PHE B 296 -9.59 -35.78 3.28
C PHE B 296 -10.25 -34.75 2.34
N VAL B 297 -9.85 -33.48 2.48
CA VAL B 297 -10.33 -32.41 1.63
C VAL B 297 -9.38 -32.24 0.45
N CYS B 298 -9.93 -32.01 -0.75
CA CYS B 298 -9.16 -31.61 -1.94
C CYS B 298 -9.80 -30.34 -2.56
N SER B 299 -9.56 -29.19 -1.92
CA SER B 299 -10.00 -27.87 -2.42
C SER B 299 -8.96 -27.31 -3.41
N GLY B 300 -8.98 -25.99 -3.64
CA GLY B 300 -8.20 -25.33 -4.74
C GLY B 300 -8.77 -25.60 -6.15
N GLY B 301 -8.37 -24.76 -7.11
CA GLY B 301 -8.70 -24.86 -8.55
C GLY B 301 -8.81 -26.29 -9.06
N VAL B 302 -7.70 -27.04 -9.01
CA VAL B 302 -7.46 -28.32 -9.75
C VAL B 302 -8.19 -29.49 -9.07
N SER B 303 -8.90 -29.17 -7.97
CA SER B 303 -9.79 -30.10 -7.28
C SER B 303 -10.72 -30.76 -8.29
N SER B 304 -11.31 -29.90 -9.14
CA SER B 304 -12.37 -30.24 -10.05
C SER B 304 -11.90 -31.15 -11.21
N ASN B 305 -10.63 -31.59 -11.22
CA ASN B 305 -10.21 -32.56 -12.26
C ASN B 305 -10.70 -33.96 -11.86
N GLN B 306 -11.28 -34.71 -12.79
CA GLN B 306 -11.84 -36.05 -12.47
C GLN B 306 -10.73 -37.11 -12.38
N ARG B 307 -9.80 -37.05 -13.34
CA ARG B 307 -8.66 -37.95 -13.41
C ARG B 307 -7.95 -37.96 -12.06
N LEU B 308 -7.74 -36.75 -11.47
CA LEU B 308 -7.13 -36.59 -10.14
C LEU B 308 -8.03 -37.26 -9.09
N ARG B 309 -9.22 -36.70 -8.88
CA ARG B 309 -10.26 -37.24 -7.96
C ARG B 309 -10.25 -38.78 -7.96
N THR B 310 -10.12 -39.38 -9.14
CA THR B 310 -10.20 -40.83 -9.26
C THR B 310 -8.94 -41.46 -8.66
N LYS B 311 -7.79 -41.01 -9.14
CA LYS B 311 -6.49 -41.41 -8.62
C LYS B 311 -6.50 -41.29 -7.09
N LEU B 312 -6.96 -40.16 -6.54
CA LEU B 312 -6.89 -39.95 -5.09
C LEU B 312 -7.66 -41.07 -4.38
N GLU B 313 -8.95 -41.17 -4.72
CA GLU B 313 -9.87 -42.13 -4.12
C GLU B 313 -9.31 -43.55 -4.28
N THR B 314 -8.66 -43.84 -5.43
CA THR B 314 -8.25 -45.21 -5.77
C THR B 314 -6.91 -45.59 -5.12
N GLU B 315 -5.90 -44.72 -5.24
CA GLU B 315 -4.49 -45.06 -5.01
C GLU B 315 -4.04 -44.63 -3.61
N LEU B 316 -4.99 -44.28 -2.71
CA LEU B 316 -4.67 -43.88 -1.31
C LEU B 316 -5.69 -44.48 -0.33
N GLY B 317 -6.97 -44.12 -0.49
CA GLY B 317 -8.03 -44.44 0.46
C GLY B 317 -8.24 -45.94 0.66
N THR B 318 -7.28 -46.77 0.21
CA THR B 318 -7.17 -48.20 0.60
C THR B 318 -5.68 -48.56 0.72
N LEU B 319 -4.94 -47.80 1.55
CA LEU B 319 -3.51 -48.08 1.89
C LEU B 319 -3.26 -47.90 3.41
N ASN B 320 -3.81 -46.84 4.04
CA ASN B 320 -3.93 -46.73 5.55
C ASN B 320 -4.93 -47.82 5.99
N SER B 321 -4.45 -48.85 6.72
CA SER B 321 -5.17 -50.14 6.92
C SER B 321 -6.41 -49.99 7.83
N THR B 322 -7.59 -50.23 7.25
CA THR B 322 -8.90 -50.01 7.87
C THR B 322 -8.97 -48.56 8.40
N SER B 323 -8.87 -47.64 7.43
CA SER B 323 -9.16 -46.19 7.53
C SER B 323 -9.17 -45.57 6.12
N PHE B 324 -10.02 -46.14 5.24
CA PHE B 324 -10.53 -45.45 4.04
C PHE B 324 -10.56 -43.94 4.35
N PHE B 325 -10.57 -43.10 3.31
CA PHE B 325 -10.75 -41.67 3.50
C PHE B 325 -12.12 -41.25 2.95
N ASN B 326 -12.85 -40.46 3.75
CA ASN B 326 -13.95 -39.66 3.23
C ASN B 326 -13.36 -38.47 2.45
N PHE B 327 -13.43 -38.54 1.13
CA PHE B 327 -12.97 -37.44 0.32
C PHE B 327 -14.10 -36.42 0.20
N TYR B 328 -13.81 -35.16 0.53
CA TYR B 328 -14.73 -34.03 0.32
C TYR B 328 -14.09 -33.03 -0.65
N TYR B 329 -14.81 -32.76 -1.75
CA TYR B 329 -14.39 -31.81 -2.80
C TYR B 329 -15.33 -30.61 -2.88
N PRO B 330 -15.06 -29.46 -2.23
CA PRO B 330 -15.88 -28.26 -2.41
C PRO B 330 -16.26 -27.96 -3.86
N PRO B 331 -17.30 -27.13 -4.08
CA PRO B 331 -17.55 -26.57 -5.41
C PRO B 331 -16.40 -25.60 -5.73
N MET B 332 -15.91 -25.64 -6.98
CA MET B 332 -14.77 -24.80 -7.45
C MET B 332 -15.47 -23.40 -7.57
N ASP B 333 -16.72 -23.34 -7.11
CA ASP B 333 -17.41 -22.06 -6.84
C ASP B 333 -16.69 -21.25 -5.61
N LEU B 334 -16.35 -22.10 -4.63
CA LEU B 334 -15.45 -21.79 -3.47
C LEU B 334 -13.94 -22.12 -3.45
N CYS B 335 -13.42 -22.72 -4.53
CA CYS B 335 -12.08 -23.32 -4.57
C CYS B 335 -11.04 -22.32 -5.08
N SER B 336 -11.44 -21.55 -6.10
CA SER B 336 -10.68 -20.39 -6.54
C SER B 336 -10.58 -19.40 -5.37
N ASP B 337 -9.59 -18.50 -5.44
CA ASP B 337 -9.49 -17.49 -4.46
C ASP B 337 -10.81 -16.71 -4.49
N ASN B 338 -11.28 -16.37 -3.30
CA ASN B 338 -12.45 -15.56 -3.11
C ASN B 338 -12.44 -15.12 -1.65
N SER B 339 -13.27 -14.12 -1.33
CA SER B 339 -13.33 -13.50 -0.03
C SER B 339 -14.30 -14.22 0.90
N ILE B 340 -14.99 -15.26 0.40
CA ILE B 340 -15.94 -15.98 1.25
C ILE B 340 -15.15 -16.79 2.30
N MET B 341 -14.17 -17.57 1.82
CA MET B 341 -13.31 -18.39 2.68
C MET B 341 -12.72 -17.53 3.83
N ILE B 342 -12.40 -16.27 3.53
CA ILE B 342 -11.79 -15.39 4.50
C ILE B 342 -12.84 -15.06 5.57
N GLY B 343 -14.06 -14.81 5.11
CA GLY B 343 -15.16 -14.52 6.00
C GLY B 343 -15.43 -15.68 6.92
N TRP B 344 -15.56 -16.87 6.31
CA TRP B 344 -15.82 -18.09 7.08
C TRP B 344 -14.73 -18.30 8.13
N ALA B 345 -13.48 -18.24 7.67
CA ALA B 345 -12.29 -18.44 8.52
C ALA B 345 -12.31 -17.52 9.74
N GLY B 346 -12.71 -16.26 9.54
CA GLY B 346 -12.81 -15.25 10.60
C GLY B 346 -13.93 -15.50 11.60
N ILE B 347 -15.04 -16.09 11.12
CA ILE B 347 -16.19 -16.51 11.97
C ILE B 347 -15.69 -17.63 12.89
N GLU B 348 -14.94 -18.56 12.31
CA GLU B 348 -14.35 -19.61 13.05
C GLU B 348 -13.32 -19.05 14.05
N ILE B 349 -12.46 -18.12 13.62
CA ILE B 349 -11.52 -17.58 14.61
C ILE B 349 -12.32 -16.89 15.74
N TRP B 350 -13.24 -15.99 15.35
CA TRP B 350 -13.87 -15.05 16.27
C TRP B 350 -14.62 -15.80 17.35
N GLU B 351 -15.37 -16.81 16.88
CA GLU B 351 -16.28 -17.53 17.72
C GLU B 351 -15.48 -18.46 18.62
N SER B 352 -14.58 -19.25 18.02
CA SER B 352 -13.86 -20.37 18.67
C SER B 352 -12.65 -19.94 19.52
N LEU B 353 -11.88 -18.91 19.09
CA LEU B 353 -10.75 -18.37 19.88
C LEU B 353 -11.13 -17.08 20.63
N ARG B 354 -12.12 -16.34 20.13
CA ARG B 354 -12.48 -15.04 20.70
C ARG B 354 -11.29 -14.08 20.60
N LEU B 355 -10.55 -14.15 19.48
CA LEU B 355 -9.46 -13.25 19.16
C LEU B 355 -9.92 -12.30 18.06
N VAL B 356 -9.40 -11.08 18.06
CA VAL B 356 -9.51 -10.20 16.92
C VAL B 356 -8.11 -9.66 16.64
N SER B 357 -7.99 -8.82 15.60
CA SER B 357 -6.71 -8.16 15.31
C SER B 357 -6.72 -6.74 15.90
N ASP B 358 -5.50 -6.25 16.17
CA ASP B 358 -5.20 -4.89 16.51
C ASP B 358 -5.11 -4.11 15.21
N LEU B 359 -5.41 -2.81 15.29
CA LEU B 359 -5.41 -1.92 14.16
C LEU B 359 -3.99 -1.64 13.64
N ASP B 360 -2.94 -2.09 14.34
CA ASP B 360 -1.55 -1.81 13.89
C ASP B 360 -1.03 -2.94 12.97
N ILE B 361 -1.80 -4.01 12.75
CA ILE B 361 -1.29 -5.15 11.98
C ILE B 361 -0.94 -4.70 10.55
N CYS B 362 0.31 -4.91 10.14
CA CYS B 362 0.75 -4.75 8.74
C CYS B 362 0.73 -6.14 8.10
N PRO B 363 0.90 -6.22 6.76
CA PRO B 363 0.89 -7.50 6.05
C PRO B 363 2.08 -8.41 6.41
N ILE B 364 2.00 -9.67 5.99
CA ILE B 364 3.04 -10.67 6.25
C ILE B 364 3.36 -11.43 4.95
N ARG B 365 4.52 -11.12 4.37
CA ARG B 365 4.97 -11.63 3.07
C ARG B 365 4.92 -13.14 3.13
N GLN B 366 5.69 -13.69 4.08
CA GLN B 366 5.81 -15.08 4.32
C GLN B 366 5.29 -15.32 5.74
N TRP B 367 4.27 -16.17 5.84
CA TRP B 367 3.52 -16.47 7.06
C TRP B 367 3.33 -17.97 7.08
N PRO B 368 4.19 -18.70 7.81
CA PRO B 368 4.02 -20.13 8.01
C PRO B 368 2.68 -20.36 8.70
N LEU B 369 1.92 -21.35 8.22
CA LEU B 369 0.63 -21.61 8.80
C LEU B 369 0.71 -22.01 10.27
N ASN B 370 1.83 -22.59 10.69
CA ASN B 370 1.92 -23.00 12.08
C ASN B 370 2.16 -21.75 12.95
N ASP B 371 2.40 -20.60 12.31
CA ASP B 371 2.69 -19.36 13.03
C ASP B 371 1.42 -18.49 13.06
N LEU B 372 0.28 -19.04 12.62
CA LEU B 372 -1.07 -18.42 12.65
C LEU B 372 -1.31 -17.50 13.87
N LEU B 373 -0.99 -17.95 15.08
CA LEU B 373 -1.21 -17.10 16.26
C LEU B 373 0.11 -16.82 16.97
N SER B 374 1.26 -17.12 16.35
CA SER B 374 2.54 -16.83 17.00
C SER B 374 2.87 -15.35 16.82
N VAL B 375 2.23 -14.71 15.83
CA VAL B 375 2.59 -13.39 15.34
C VAL B 375 1.90 -12.33 16.21
N ASP B 376 2.31 -11.06 16.11
CA ASP B 376 1.56 -10.12 16.90
C ASP B 376 0.37 -9.69 16.05
N GLY B 377 -0.57 -9.02 16.73
CA GLY B 377 -1.78 -8.54 16.16
C GLY B 377 -2.94 -9.02 17.00
N TRP B 378 -2.86 -10.25 17.49
CA TRP B 378 -3.97 -10.87 18.20
C TRP B 378 -4.15 -10.24 19.57
N ARG B 379 -5.42 -10.04 19.97
CA ARG B 379 -5.82 -9.70 21.35
C ARG B 379 -7.12 -10.45 21.62
N THR B 380 -7.41 -10.70 22.88
CA THR B 380 -8.67 -11.34 23.15
C THR B 380 -9.74 -10.27 22.97
N ASP B 381 -10.93 -10.69 22.52
CA ASP B 381 -11.98 -9.75 22.15
C ASP B 381 -12.45 -9.01 23.39
N GLN B 382 -13.20 -9.70 24.26
CA GLN B 382 -13.65 -9.11 25.52
C GLN B 382 -13.27 -10.08 26.64
N LEU B 383 -14.25 -10.77 27.21
CA LEU B 383 -13.99 -12.08 27.82
C LEU B 383 -13.60 -13.03 26.68
ZN ZN D . 5.77 19.17 2.73
P AMP E . 9.49 21.40 7.88
O1P AMP E . 8.96 20.17 7.11
O2P AMP E . 8.86 22.70 7.43
O3P AMP E . 9.56 21.41 9.38
O5' AMP E . 11.05 21.33 7.51
C5' AMP E . 12.06 20.98 8.47
C4' AMP E . 13.08 22.10 8.60
O4' AMP E . 12.70 23.24 9.38
C3' AMP E . 14.38 21.61 9.23
O3' AMP E . 15.40 21.49 8.23
C2' AMP E . 14.72 22.67 10.27
O2' AMP E . 16.13 22.81 10.53
C1' AMP E . 13.96 23.90 9.71
N9 AMP E . 13.84 25.12 10.58
C8 AMP E . 12.89 25.26 11.52
N7 AMP E . 12.99 26.46 12.14
C5 AMP E . 14.00 27.16 11.62
C6 AMP E . 14.62 28.53 11.86
N6 AMP E . 14.16 29.39 12.81
N1 AMP E . 15.69 28.89 11.09
C2 AMP E . 16.16 28.03 10.13
N3 AMP E . 15.63 26.79 9.89
C4 AMP E . 14.56 26.27 10.57
C1 PGE F . -23.17 23.44 3.51
O1 PGE F . -24.26 24.20 2.91
C2 PGE F . -22.92 22.10 2.78
O2 PGE F . -21.53 21.83 2.44
C3 PGE F . -21.29 21.28 1.13
C4 PGE F . -19.96 21.71 0.49
O4 PGE F . -20.54 25.70 -1.92
C6 PGE F . -20.32 24.31 -2.21
C5 PGE F . -20.54 23.48 -0.94
O3 PGE F . -19.97 22.17 -0.88
PG ATP G . 3.88 -5.70 -4.73
O1G ATP G . 2.57 -6.30 -5.26
O2G ATP G . 4.53 -6.67 -3.77
O3G ATP G . 3.95 -4.31 -4.07
PB ATP G . 4.57 -4.97 -7.68
O1B ATP G . 5.43 -5.61 -8.77
O2B ATP G . 3.09 -5.06 -8.04
O3B ATP G . 4.81 -5.58 -6.14
PA ATP G . 6.53 -2.80 -7.24
O1A ATP G . 7.53 -3.93 -7.12
O2A ATP G . 6.38 -1.82 -6.09
O3A ATP G . 5.05 -3.40 -7.62
O5' ATP G . 7.01 -1.93 -8.49
C5' ATP G . 6.07 -1.16 -9.22
C4' ATP G . 5.84 0.18 -8.55
O4' ATP G . 7.10 0.86 -8.59
C3' ATP G . 4.84 0.97 -9.37
O3' ATP G . 4.17 1.92 -8.51
C2' ATP G . 5.79 1.50 -10.45
O2' ATP G . 5.34 2.75 -10.94
C1' ATP G . 7.23 1.57 -9.83
N9 ATP G . 8.47 1.09 -10.57
C8 ATP G . 9.69 1.51 -10.18
N7 ATP G . 10.68 0.98 -10.93
C5 ATP G . 10.10 0.20 -11.84
C6 ATP G . 10.58 -0.64 -12.92
N6 ATP G . 11.92 -0.70 -13.14
N1 ATP G . 9.68 -1.33 -13.67
C2 ATP G . 8.36 -1.25 -13.44
N3 ATP G . 7.85 -0.49 -12.45
C4 ATP G . 8.64 0.25 -11.61
ZN ZN H . -5.25 -19.15 -2.90
P AMP I . -7.42 -21.03 -8.49
O1P AMP I . -8.12 -19.91 -9.22
O2P AMP I . -6.44 -20.50 -7.46
O3P AMP I . -8.31 -22.19 -8.10
O5' AMP I . -6.62 -21.87 -9.57
C5' AMP I . -7.33 -22.33 -10.70
C4' AMP I . -6.55 -23.39 -11.48
O4' AMP I . -7.40 -24.50 -11.60
C3' AMP I . -6.17 -23.01 -12.90
O3' AMP I . -4.74 -22.86 -13.05
C2' AMP I . -6.75 -24.12 -13.78
O2' AMP I . -5.94 -24.53 -14.90
C1' AMP I . -6.99 -25.20 -12.76
N9 AMP I . -8.07 -26.13 -13.12
C8 AMP I . -9.40 -25.99 -12.91
N7 AMP I . -10.07 -27.09 -13.36
C5 AMP I . -9.15 -27.95 -13.85
C6 AMP I . -9.16 -29.30 -14.50
N6 AMP I . -10.29 -30.00 -14.74
N1 AMP I . -7.95 -29.80 -14.87
C2 AMP I . -6.79 -29.13 -14.65
N3 AMP I . -6.71 -27.91 -14.08
C4 AMP I . -7.85 -27.29 -13.68
S SO4 J . 9.36 -20.10 -20.14
O1 SO4 J . 9.14 -21.57 -20.10
O2 SO4 J . 9.19 -19.58 -21.51
O3 SO4 J . 10.75 -19.85 -19.68
O4 SO4 J . 8.38 -19.44 -19.22
C ACT K . 25.22 -33.04 -14.26
O ACT K . 25.00 -31.86 -13.88
OXT ACT K . 26.33 -33.63 -14.09
CH3 ACT K . 24.11 -33.80 -14.94
#